data_6TYI
#
_entry.id   6TYI
#
_cell.length_a   1.00
_cell.length_b   1.00
_cell.length_c   1.00
_cell.angle_alpha   90.00
_cell.angle_beta   90.00
_cell.angle_gamma   90.00
#
_symmetry.space_group_name_H-M   'P 1'
#
loop_
_entity.id
_entity.type
_entity.pdbx_description
1 polymer 'Biopolymer transport protein ExbB'
2 polymer 'Biopolymer transport protein ExbD'
3 non-polymer '(1S)-2-{[{[(2R)-2,3-DIHYDROXYPROPYL]OXY}(HYDROXY)PHOSPHORYL]OXY}-1-[(PALMITOYLOXY)METHYL]ETHYL STEARATE'
4 non-polymer '(1S)-2-{[(2-AMINOETHOXY)(HYDROXY)PHOSPHORYL]OXY}-1-[(PALMITOYLOXY)METHYL]ETHYL STEARATE'
#
loop_
_entity_poly.entity_id
_entity_poly.type
_entity_poly.pdbx_seq_one_letter_code
_entity_poly.pdbx_strand_id
1 'polypeptide(L)'
;MGNNLMQTDLSVWGMYQHADIVVKCVMIGLILASVVTWAIFFSKSVEFFNQKRRLKREQQLLAEARSLNQANDIAADFGS
KSLSLHLLNEAQNELELSEGSDDNEGIKERTSFRLERRVAAVGRQMGRGNGYLATIGAISPFVGLFGTVWGIMNSFIGIA
QTQTTNLAVVAPGIAEALLATAIGLVAAIPAVVIYNVFARQIGGFKAMLGDVAAQVLLLQSRDLDLEASAAAHPVRVAQK
LRAG
;
A,B,C,D,E
2 'polypeptide(L)'
;MAMHLNENLDDNGEMHDINVTPFIDVMLVLLIIFMVAAPLATVDVKVNLPASTSTPQPRPEKPVYLSVKADNSMFIGNDP
VTDETMITALNALTEGKKDTTIFFRADKTVDYETLMKVMDTLHQAGYLKIGLVGEETAKAKENLYFQGNAGSGHHHHHHH
HHH
;
Y,Z
#
# COMPACT_ATOMS: atom_id res chain seq x y z
N ASP A 9 1.89 -23.61 -39.81
CA ASP A 9 1.85 -22.25 -40.33
C ASP A 9 3.24 -21.75 -40.66
N LEU A 10 3.39 -20.43 -40.73
CA LEU A 10 4.68 -19.80 -40.95
C LEU A 10 5.33 -19.49 -39.61
N SER A 11 6.58 -19.03 -39.66
CA SER A 11 7.34 -18.85 -38.43
C SER A 11 7.00 -17.53 -37.74
N VAL A 12 7.31 -16.41 -38.39
CA VAL A 12 7.05 -15.11 -37.79
C VAL A 12 6.28 -14.18 -38.74
N TRP A 13 6.80 -14.03 -39.97
CA TRP A 13 6.24 -13.03 -40.87
C TRP A 13 4.88 -13.45 -41.40
N GLY A 14 4.79 -14.67 -41.94
CA GLY A 14 3.48 -15.20 -42.29
C GLY A 14 2.56 -15.34 -41.11
N MET A 15 3.12 -15.50 -39.90
CA MET A 15 2.31 -15.49 -38.70
C MET A 15 1.65 -14.12 -38.51
N TYR A 16 2.41 -13.06 -38.67
CA TYR A 16 1.84 -11.72 -38.54
C TYR A 16 0.85 -11.42 -39.67
N GLN A 17 1.18 -11.84 -40.90
CA GLN A 17 0.26 -11.62 -42.01
C GLN A 17 -1.06 -12.35 -41.76
N HIS A 18 -0.99 -13.60 -41.29
CA HIS A 18 -2.20 -14.35 -40.98
C HIS A 18 -2.95 -13.75 -39.80
N ALA A 19 -2.31 -12.96 -38.97
CA ALA A 19 -3.02 -12.27 -37.90
C ALA A 19 -4.03 -11.34 -38.57
N ASP A 20 -5.32 -11.63 -38.40
CA ASP A 20 -6.30 -11.13 -39.36
C ASP A 20 -6.43 -9.61 -39.39
N ILE A 21 -7.10 -9.00 -38.41
CA ILE A 21 -7.16 -7.55 -38.36
C ILE A 21 -6.94 -7.03 -36.96
N VAL A 22 -7.74 -7.48 -36.00
CA VAL A 22 -7.63 -6.96 -34.65
C VAL A 22 -6.42 -7.55 -33.94
N VAL A 23 -6.11 -8.83 -34.20
CA VAL A 23 -4.86 -9.36 -33.69
C VAL A 23 -3.68 -8.60 -34.25
N LYS A 24 -3.74 -8.26 -35.54
CA LYS A 24 -2.64 -7.51 -36.15
C LYS A 24 -2.50 -6.13 -35.52
N CYS A 25 -3.61 -5.42 -35.32
CA CYS A 25 -3.52 -4.10 -34.74
C CYS A 25 -3.06 -4.15 -33.29
N VAL A 26 -3.46 -5.17 -32.52
CA VAL A 26 -3.00 -5.24 -31.14
C VAL A 26 -1.52 -5.59 -31.09
N MET A 27 -1.05 -6.48 -31.96
CA MET A 27 0.38 -6.77 -32.00
C MET A 27 1.18 -5.53 -32.38
N ILE A 28 0.66 -4.70 -33.30
CA ILE A 28 1.33 -3.46 -33.64
C ILE A 28 1.36 -2.51 -32.45
N GLY A 29 0.24 -2.36 -31.76
CA GLY A 29 0.20 -1.50 -30.59
C GLY A 29 1.18 -1.94 -29.52
N LEU A 30 1.34 -3.24 -29.34
CA LEU A 30 2.27 -3.71 -28.32
C LEU A 30 3.72 -3.59 -28.74
N ILE A 31 4.03 -3.77 -30.02
CA ILE A 31 5.41 -3.52 -30.45
C ILE A 31 5.77 -2.06 -30.29
N LEU A 32 4.85 -1.15 -30.60
CA LEU A 32 5.16 0.25 -30.38
C LEU A 32 5.27 0.57 -28.89
N ALA A 33 4.47 -0.07 -28.04
CA ALA A 33 4.64 0.15 -26.61
C ALA A 33 6.02 -0.32 -26.13
N SER A 34 6.47 -1.48 -26.59
CA SER A 34 7.79 -1.95 -26.19
C SER A 34 8.88 -0.99 -26.66
N VAL A 35 8.76 -0.47 -27.89
CA VAL A 35 9.77 0.46 -28.37
C VAL A 35 9.77 1.73 -27.54
N VAL A 36 8.60 2.22 -27.14
CA VAL A 36 8.61 3.43 -26.33
C VAL A 36 9.17 3.17 -24.94
N THR A 37 8.95 1.98 -24.37
CA THR A 37 9.58 1.68 -23.09
C THR A 37 11.11 1.64 -23.20
N TRP A 38 11.62 1.02 -24.26
CA TRP A 38 13.08 0.99 -24.37
C TRP A 38 13.65 2.37 -24.69
N ALA A 39 12.89 3.23 -25.37
CA ALA A 39 13.34 4.60 -25.54
C ALA A 39 13.40 5.34 -24.21
N ILE A 40 12.36 5.20 -23.39
CA ILE A 40 12.37 5.80 -22.06
C ILE A 40 13.60 5.37 -21.29
N PHE A 41 13.88 4.07 -21.30
CA PHE A 41 15.03 3.57 -20.55
C PHE A 41 16.33 4.16 -21.06
N PHE A 42 16.59 4.03 -22.36
CA PHE A 42 17.89 4.46 -22.87
C PHE A 42 18.05 5.97 -22.83
N SER A 43 16.98 6.74 -22.70
CA SER A 43 17.12 8.18 -22.64
C SER A 43 17.06 8.75 -21.24
N LYS A 44 16.54 7.99 -20.27
CA LYS A 44 16.54 8.44 -18.89
C LYS A 44 17.74 7.90 -18.12
N SER A 45 18.34 6.81 -18.56
CA SER A 45 19.47 6.28 -17.80
C SER A 45 20.68 7.19 -17.86
N VAL A 46 20.96 7.83 -19.00
CA VAL A 46 22.13 8.70 -19.03
C VAL A 46 21.88 9.97 -18.23
N GLU A 47 20.65 10.48 -18.24
CA GLU A 47 20.34 11.64 -17.42
C GLU A 47 20.50 11.32 -15.94
N PHE A 48 19.93 10.20 -15.49
CA PHE A 48 20.10 9.81 -14.10
C PHE A 48 21.57 9.64 -13.74
N PHE A 49 22.31 8.92 -14.58
CA PHE A 49 23.69 8.63 -14.26
C PHE A 49 24.51 9.91 -14.12
N ASN A 50 24.36 10.83 -15.07
CA ASN A 50 25.10 12.08 -14.99
C ASN A 50 24.72 12.88 -13.76
N GLN A 51 23.42 13.01 -13.48
CA GLN A 51 23.01 13.83 -12.35
C GLN A 51 23.47 13.23 -11.04
N LYS A 52 23.35 11.92 -10.87
CA LYS A 52 23.76 11.31 -9.62
C LYS A 52 25.26 11.42 -9.41
N ARG A 53 26.05 11.20 -10.45
CA ARG A 53 27.49 11.38 -10.31
C ARG A 53 27.83 12.80 -9.90
N ARG A 54 27.24 13.78 -10.59
CA ARG A 54 27.53 15.17 -10.28
C ARG A 54 27.15 15.52 -8.85
N LEU A 55 25.97 15.10 -8.41
CA LEU A 55 25.54 15.46 -7.06
C LEU A 55 26.40 14.80 -6.01
N LYS A 56 26.81 13.55 -6.24
CA LYS A 56 27.67 12.90 -5.26
C LYS A 56 29.00 13.62 -5.15
N ARG A 57 29.55 14.08 -6.27
CA ARG A 57 30.78 14.86 -6.21
C ARG A 57 30.57 16.16 -5.45
N GLU A 58 29.48 16.87 -5.73
CA GLU A 58 29.22 18.14 -5.04
C GLU A 58 29.08 17.93 -3.54
N GLN A 59 28.33 16.92 -3.14
CA GLN A 59 28.11 16.69 -1.72
C GLN A 59 29.42 16.36 -1.02
N GLN A 60 30.25 15.52 -1.63
CA GLN A 60 31.55 15.25 -1.01
C GLN A 60 32.43 16.49 -0.96
N LEU A 61 32.30 17.39 -1.93
CA LEU A 61 33.10 18.61 -1.90
C LEU A 61 32.60 19.60 -0.85
N LEU A 62 31.30 19.56 -0.55
CA LEU A 62 30.72 20.45 0.46
C LEU A 62 30.77 19.91 1.86
N ALA A 63 31.02 18.62 2.05
CA ALA A 63 31.06 18.12 3.42
C ALA A 63 32.21 18.72 4.22
N GLU A 64 33.04 19.57 3.62
CA GLU A 64 34.13 20.25 4.30
C GLU A 64 33.90 21.76 4.34
N ALA A 65 32.66 22.16 4.59
CA ALA A 65 32.29 23.56 4.76
C ALA A 65 31.68 23.72 6.13
N ARG A 66 32.34 24.50 6.99
CA ARG A 66 31.89 24.65 8.37
C ARG A 66 31.06 25.90 8.61
N SER A 67 30.80 26.69 7.58
CA SER A 67 29.91 27.84 7.71
C SER A 67 29.37 28.19 6.34
N LEU A 68 28.21 28.83 6.32
CA LEU A 68 27.51 29.02 5.05
C LEU A 68 28.33 29.86 4.09
N ASN A 69 29.13 30.80 4.59
CA ASN A 69 29.97 31.58 3.70
C ASN A 69 31.05 30.73 3.05
N GLN A 70 31.66 29.83 3.82
CA GLN A 70 32.63 28.91 3.24
C GLN A 70 31.97 27.96 2.25
N ALA A 71 30.74 27.54 2.54
CA ALA A 71 30.03 26.69 1.59
C ALA A 71 29.76 27.43 0.29
N ASN A 72 29.43 28.72 0.37
CA ASN A 72 29.20 29.49 -0.84
C ASN A 72 30.49 29.70 -1.61
N ASP A 73 31.59 29.96 -0.92
CA ASP A 73 32.87 30.12 -1.61
C ASP A 73 33.27 28.83 -2.32
N ILE A 74 32.98 27.67 -1.71
CA ILE A 74 33.27 26.41 -2.37
C ILE A 74 32.39 26.21 -3.58
N ALA A 75 31.07 26.27 -3.39
CA ALA A 75 30.15 25.98 -4.46
C ALA A 75 29.96 27.14 -5.42
N ALA A 76 30.88 28.10 -5.43
CA ALA A 76 30.72 29.25 -6.32
C ALA A 76 30.86 28.84 -7.78
N ASP A 77 31.67 27.82 -8.06
CA ASP A 77 31.86 27.34 -9.41
C ASP A 77 31.34 25.91 -9.47
N PHE A 78 30.03 25.79 -9.64
CA PHE A 78 29.36 24.51 -9.85
C PHE A 78 28.48 24.56 -11.08
N GLY A 79 28.61 25.56 -11.92
CA GLY A 79 27.74 25.72 -13.06
C GLY A 79 26.44 26.39 -12.69
N SER A 80 25.54 26.44 -13.66
CA SER A 80 24.25 27.09 -13.45
C SER A 80 23.16 26.10 -13.09
N LYS A 81 23.28 24.85 -13.50
CA LYS A 81 22.26 23.83 -13.27
C LYS A 81 22.63 22.90 -12.11
N SER A 82 23.36 23.40 -11.13
CA SER A 82 23.79 22.58 -10.01
C SER A 82 22.73 22.61 -8.91
N LEU A 83 22.29 21.43 -8.48
CA LEU A 83 21.26 21.38 -7.44
C LEU A 83 21.76 21.95 -6.13
N SER A 84 23.02 21.69 -5.79
CA SER A 84 23.54 22.24 -4.54
C SER A 84 23.69 23.74 -4.61
N LEU A 85 23.98 24.29 -5.79
CA LEU A 85 23.97 25.74 -5.92
C LEU A 85 22.57 26.29 -5.79
N HIS A 86 21.56 25.58 -6.31
CA HIS A 86 20.19 26.03 -6.11
C HIS A 86 19.83 26.05 -4.63
N LEU A 87 20.21 25.02 -3.88
CA LEU A 87 19.86 24.97 -2.47
C LEU A 87 20.59 26.05 -1.68
N LEU A 88 21.90 26.18 -1.87
CA LEU A 88 22.62 27.25 -1.19
C LEU A 88 22.08 28.61 -1.55
N ASN A 89 21.55 28.78 -2.77
CA ASN A 89 20.99 30.07 -3.11
C ASN A 89 19.61 30.28 -2.50
N GLU A 90 18.84 29.22 -2.27
CA GLU A 90 17.63 29.37 -1.47
C GLU A 90 17.96 29.91 -0.08
N ALA A 91 18.93 29.29 0.57
CA ALA A 91 19.29 29.75 1.91
C ALA A 91 19.75 31.20 1.89
N GLN A 92 20.65 31.53 0.96
CA GLN A 92 21.18 32.89 0.93
C GLN A 92 20.13 33.91 0.54
N ASN A 93 19.22 33.57 -0.36
CA ASN A 93 18.18 34.51 -0.72
C ASN A 93 17.21 34.75 0.42
N GLU A 94 16.93 33.73 1.23
CA GLU A 94 16.09 33.98 2.40
C GLU A 94 16.79 34.89 3.40
N LEU A 95 18.08 34.62 3.67
CA LEU A 95 18.84 35.50 4.55
C LEU A 95 18.97 36.91 4.00
N GLU A 96 18.82 37.10 2.69
CA GLU A 96 18.82 38.44 2.14
C GLU A 96 17.46 39.11 2.20
N LEU A 97 16.38 38.35 2.00
CA LEU A 97 15.05 38.95 2.04
C LEU A 97 14.68 39.36 3.46
N SER A 98 15.11 38.59 4.46
CA SER A 98 14.75 38.92 5.82
C SER A 98 15.63 40.00 6.43
N GLU A 99 16.32 40.79 5.62
CA GLU A 99 17.21 41.82 6.15
C GLU A 99 16.38 42.90 6.84
N GLY A 100 16.66 43.13 8.11
CA GLY A 100 15.87 44.01 8.94
C GLY A 100 15.08 43.28 10.01
N SER A 101 14.85 41.98 9.84
CA SER A 101 14.20 41.19 10.86
C SER A 101 15.16 40.92 12.01
N ASP A 102 14.63 40.35 13.08
CA ASP A 102 15.46 39.94 14.21
C ASP A 102 15.00 38.59 14.77
N ASP A 103 14.27 37.81 13.99
CA ASP A 103 13.77 36.51 14.44
C ASP A 103 14.56 35.42 13.73
N ASN A 104 15.63 34.97 14.37
CA ASN A 104 16.38 33.86 13.82
C ASN A 104 15.53 32.61 13.72
N GLU A 105 14.60 32.41 14.66
CA GLU A 105 13.71 31.27 14.56
C GLU A 105 12.81 31.39 13.34
N GLY A 106 12.35 32.60 13.03
CA GLY A 106 11.56 32.79 11.84
C GLY A 106 12.34 32.54 10.57
N ILE A 107 13.59 33.01 10.51
CA ILE A 107 14.40 32.78 9.33
C ILE A 107 14.62 31.29 9.13
N LYS A 108 14.87 30.56 10.21
CA LYS A 108 15.07 29.12 10.10
C LYS A 108 13.82 28.43 9.59
N GLU A 109 12.65 28.82 10.11
CA GLU A 109 11.40 28.24 9.63
C GLU A 109 11.22 28.45 8.14
N ARG A 110 11.38 29.70 7.69
CA ARG A 110 11.16 29.98 6.27
C ARG A 110 12.16 29.25 5.39
N THR A 111 13.43 29.21 5.79
CA THR A 111 14.42 28.56 4.95
C THR A 111 14.19 27.07 4.88
N SER A 112 13.86 26.43 6.00
CA SER A 112 13.56 25.01 5.96
C SER A 112 12.35 24.73 5.08
N PHE A 113 11.39 25.64 5.09
CA PHE A 113 10.19 25.45 4.29
C PHE A 113 10.50 25.53 2.80
N ARG A 114 11.22 26.56 2.38
CA ARG A 114 11.61 26.66 0.97
C ARG A 114 12.48 25.48 0.55
N LEU A 115 13.35 25.00 1.43
CA LEU A 115 14.25 23.93 1.02
C LEU A 115 13.51 22.62 0.86
N GLU A 116 12.55 22.31 1.73
CA GLU A 116 11.76 21.11 1.49
C GLU A 116 10.90 21.24 0.24
N ARG A 117 10.43 22.46 -0.08
CA ARG A 117 9.76 22.67 -1.36
C ARG A 117 10.66 22.30 -2.53
N ARG A 118 11.89 22.82 -2.53
CA ARG A 118 12.80 22.59 -3.66
C ARG A 118 13.18 21.12 -3.79
N VAL A 119 13.41 20.45 -2.67
CA VAL A 119 13.80 19.04 -2.74
C VAL A 119 12.65 18.19 -3.27
N ALA A 120 11.43 18.45 -2.81
CA ALA A 120 10.30 17.70 -3.34
C ALA A 120 10.11 17.95 -4.83
N ALA A 121 10.32 19.19 -5.28
CA ALA A 121 10.14 19.48 -6.70
C ALA A 121 11.18 18.79 -7.57
N VAL A 122 12.41 18.71 -7.09
CA VAL A 122 13.43 17.99 -7.85
C VAL A 122 13.11 16.50 -7.88
N GLY A 123 12.60 15.94 -6.78
CA GLY A 123 12.16 14.57 -6.82
C GLY A 123 11.07 14.33 -7.86
N ARG A 124 10.09 15.22 -7.93
CA ARG A 124 9.01 15.06 -8.90
C ARG A 124 9.53 15.14 -10.32
N GLN A 125 10.40 16.10 -10.61
CA GLN A 125 10.92 16.21 -11.95
C GLN A 125 11.80 15.03 -12.33
N MET A 126 12.50 14.42 -11.37
CA MET A 126 13.22 13.19 -11.67
C MET A 126 12.25 12.08 -12.01
N GLY A 127 11.22 11.89 -11.19
CA GLY A 127 10.28 10.81 -11.41
C GLY A 127 9.43 10.98 -12.65
N ARG A 128 9.36 12.18 -13.20
CA ARG A 128 8.53 12.40 -14.38
C ARG A 128 8.94 11.47 -15.51
N GLY A 129 8.08 10.52 -15.85
CA GLY A 129 8.38 9.52 -16.85
C GLY A 129 7.97 8.13 -16.44
N ASN A 130 8.00 7.85 -15.14
CA ASN A 130 7.67 6.53 -14.61
C ASN A 130 6.19 6.20 -14.72
N GLY A 131 5.34 7.17 -14.98
CA GLY A 131 3.93 6.85 -15.17
C GLY A 131 3.71 5.94 -16.36
N TYR A 132 4.41 6.22 -17.46
CA TYR A 132 4.26 5.40 -18.69
C TYR A 132 4.76 3.97 -18.41
N LEU A 133 5.86 3.83 -17.68
CA LEU A 133 6.39 2.50 -17.38
C LEU A 133 5.44 1.73 -16.47
N ALA A 134 4.86 2.39 -15.47
CA ALA A 134 3.91 1.70 -14.62
C ALA A 134 2.68 1.25 -15.41
N THR A 135 2.12 2.14 -16.22
CA THR A 135 0.91 1.81 -16.96
C THR A 135 1.16 0.66 -17.94
N ILE A 136 2.26 0.71 -18.68
CA ILE A 136 2.53 -0.38 -19.61
C ILE A 136 2.78 -1.68 -18.86
N GLY A 137 3.63 -1.65 -17.84
CA GLY A 137 3.85 -2.87 -17.08
C GLY A 137 2.61 -3.43 -16.45
N ALA A 138 1.58 -2.61 -16.27
CA ALA A 138 0.36 -3.07 -15.61
C ALA A 138 -0.79 -3.39 -16.56
N ILE A 139 -0.73 -2.98 -17.82
CA ILE A 139 -1.82 -3.33 -18.73
C ILE A 139 -1.33 -4.08 -19.97
N SER A 140 -0.06 -4.38 -20.08
CA SER A 140 0.35 -4.98 -21.34
C SER A 140 -0.09 -6.44 -21.47
N PRO A 141 -0.04 -7.25 -20.41
CA PRO A 141 -0.59 -8.60 -20.56
C PRO A 141 -2.05 -8.61 -20.94
N PHE A 142 -2.83 -7.64 -20.46
CA PHE A 142 -4.25 -7.60 -20.79
C PHE A 142 -4.49 -7.23 -22.25
N VAL A 143 -3.71 -6.33 -22.82
CA VAL A 143 -3.90 -6.01 -24.23
C VAL A 143 -3.48 -7.18 -25.09
N GLY A 144 -2.36 -7.81 -24.77
CA GLY A 144 -2.00 -9.02 -25.50
C GLY A 144 -3.07 -10.07 -25.39
N LEU A 145 -3.69 -10.19 -24.23
CA LEU A 145 -4.68 -11.22 -23.98
C LEU A 145 -6.02 -10.91 -24.62
N PHE A 146 -6.38 -9.64 -24.76
CA PHE A 146 -7.56 -9.32 -25.55
C PHE A 146 -7.33 -9.65 -27.01
N GLY A 147 -6.14 -9.34 -27.53
CA GLY A 147 -5.82 -9.82 -28.86
C GLY A 147 -5.97 -11.32 -28.98
N THR A 148 -5.55 -12.03 -27.93
CA THR A 148 -5.62 -13.51 -27.91
C THR A 148 -7.08 -13.98 -27.97
N VAL A 149 -7.92 -13.45 -27.07
CA VAL A 149 -9.32 -13.85 -27.03
C VAL A 149 -10.01 -13.54 -28.34
N TRP A 150 -9.73 -12.39 -28.93
CA TRP A 150 -10.37 -12.09 -30.21
C TRP A 150 -9.90 -13.04 -31.30
N GLY A 151 -8.62 -13.38 -31.33
CA GLY A 151 -8.15 -14.31 -32.34
C GLY A 151 -8.76 -15.68 -32.21
N ILE A 152 -8.86 -16.20 -30.99
CA ILE A 152 -9.48 -17.50 -30.77
C ILE A 152 -10.96 -17.45 -31.13
N MET A 153 -11.65 -16.37 -30.74
CA MET A 153 -13.07 -16.23 -31.04
C MET A 153 -13.31 -16.15 -32.53
N ASN A 154 -12.47 -15.43 -33.25
CA ASN A 154 -12.67 -15.31 -34.69
C ASN A 154 -12.36 -16.63 -35.39
N SER A 155 -11.36 -17.38 -34.92
CA SER A 155 -11.12 -18.69 -35.49
C SER A 155 -12.29 -19.63 -35.21
N PHE A 156 -12.86 -19.54 -34.00
CA PHE A 156 -14.02 -20.35 -33.67
C PHE A 156 -15.20 -20.02 -34.56
N ILE A 157 -15.48 -18.74 -34.76
CA ILE A 157 -16.59 -18.36 -35.62
C ILE A 157 -16.28 -18.66 -37.08
N GLY A 158 -15.00 -18.77 -37.45
CA GLY A 158 -14.66 -19.16 -38.80
C GLY A 158 -14.91 -20.64 -39.04
N ILE A 159 -14.63 -21.47 -38.03
CA ILE A 159 -14.99 -22.89 -38.11
C ILE A 159 -16.42 -23.15 -37.69
N ALA A 160 -17.17 -22.10 -37.33
CA ALA A 160 -18.57 -22.25 -36.95
C ALA A 160 -19.41 -22.85 -38.08
N GLN A 161 -18.87 -22.89 -39.30
CA GLN A 161 -19.51 -23.66 -40.36
C GLN A 161 -19.52 -25.14 -39.97
N THR A 162 -20.21 -25.94 -40.79
CA THR A 162 -20.36 -27.36 -40.49
C THR A 162 -19.02 -28.02 -40.13
N GLN A 163 -18.04 -27.91 -41.03
CA GLN A 163 -16.68 -28.41 -40.82
C GLN A 163 -16.68 -29.81 -40.22
N THR A 164 -17.42 -30.71 -40.86
CA THR A 164 -17.44 -32.12 -40.47
C THR A 164 -16.21 -32.80 -41.09
N THR A 165 -15.05 -32.40 -40.61
CA THR A 165 -13.78 -32.85 -41.16
C THR A 165 -12.71 -32.74 -40.09
N ASN A 166 -11.58 -33.42 -40.35
CA ASN A 166 -10.51 -33.60 -39.37
C ASN A 166 -9.16 -33.33 -39.99
N LEU A 167 -9.02 -32.20 -40.67
CA LEU A 167 -7.76 -31.83 -41.30
C LEU A 167 -7.00 -30.76 -40.52
N ALA A 168 -7.54 -30.32 -39.38
CA ALA A 168 -6.86 -29.38 -38.49
C ALA A 168 -6.48 -28.09 -39.23
N VAL A 169 -7.51 -27.40 -39.71
CA VAL A 169 -7.33 -26.07 -40.30
C VAL A 169 -7.52 -25.02 -39.22
N VAL A 170 -7.58 -25.47 -37.97
CA VAL A 170 -7.67 -24.55 -36.84
C VAL A 170 -6.30 -24.26 -36.25
N ALA A 171 -5.29 -25.08 -36.52
CA ALA A 171 -3.97 -24.90 -35.92
C ALA A 171 -3.37 -23.54 -36.23
N PRO A 172 -3.27 -23.09 -37.50
CA PRO A 172 -2.70 -21.77 -37.73
C PRO A 172 -3.53 -20.66 -37.12
N GLY A 173 -4.86 -20.71 -37.30
CA GLY A 173 -5.70 -19.65 -36.79
C GLY A 173 -5.77 -19.57 -35.28
N ILE A 174 -5.35 -20.62 -34.58
CA ILE A 174 -5.34 -20.63 -33.12
C ILE A 174 -3.94 -20.58 -32.55
N ALA A 175 -2.91 -20.64 -33.38
CA ALA A 175 -1.55 -20.38 -32.94
C ALA A 175 -1.07 -18.98 -33.29
N GLU A 176 -1.98 -18.02 -33.36
CA GLU A 176 -1.64 -16.61 -33.44
C GLU A 176 -2.24 -15.79 -32.31
N ALA A 177 -3.40 -16.19 -31.80
CA ALA A 177 -3.88 -15.61 -30.56
C ALA A 177 -2.84 -15.77 -29.46
N LEU A 178 -2.30 -16.97 -29.33
CA LEU A 178 -1.23 -17.18 -28.36
C LEU A 178 -0.03 -16.30 -28.68
N LEU A 179 0.19 -15.99 -29.95
CA LEU A 179 1.30 -15.11 -30.29
C LEU A 179 1.07 -13.71 -29.77
N ALA A 180 -0.15 -13.23 -29.88
CA ALA A 180 -0.45 -11.93 -29.29
C ALA A 180 -0.24 -11.96 -27.79
N THR A 181 -0.53 -13.07 -27.13
CA THR A 181 -0.27 -13.14 -25.68
C THR A 181 1.22 -13.11 -25.38
N ALA A 182 2.02 -13.88 -26.12
CA ALA A 182 3.46 -13.89 -25.88
C ALA A 182 4.07 -12.52 -26.13
N ILE A 183 3.58 -11.80 -27.14
CA ILE A 183 4.07 -10.44 -27.38
C ILE A 183 3.63 -9.50 -26.27
N GLY A 184 2.43 -9.70 -25.72
CA GLY A 184 2.03 -8.94 -24.56
C GLY A 184 2.98 -9.11 -23.40
N LEU A 185 3.38 -10.35 -23.12
CA LEU A 185 4.29 -10.56 -22.00
C LEU A 185 5.70 -10.07 -22.29
N VAL A 186 6.16 -10.17 -23.54
CA VAL A 186 7.45 -9.59 -23.88
C VAL A 186 7.43 -8.07 -23.75
N ALA A 187 6.28 -7.45 -23.92
CA ALA A 187 6.20 -6.01 -23.67
C ALA A 187 5.97 -5.68 -22.21
N ALA A 188 5.54 -6.64 -21.40
CA ALA A 188 5.29 -6.37 -19.99
C ALA A 188 6.46 -6.69 -19.07
N ILE A 189 7.42 -7.49 -19.50
CA ILE A 189 8.53 -7.82 -18.59
C ILE A 189 9.52 -6.67 -18.46
N PRO A 190 10.14 -6.18 -19.53
CA PRO A 190 11.09 -5.07 -19.36
C PRO A 190 10.47 -3.81 -18.78
N ALA A 191 9.17 -3.60 -18.94
CA ALA A 191 8.55 -2.44 -18.31
C ALA A 191 8.64 -2.52 -16.80
N VAL A 192 8.45 -3.71 -16.23
CA VAL A 192 8.53 -3.82 -14.79
C VAL A 192 9.98 -3.85 -14.30
N VAL A 193 10.86 -4.55 -15.01
CA VAL A 193 12.27 -4.48 -14.63
C VAL A 193 12.75 -3.04 -14.57
N ILE A 194 12.39 -2.24 -15.58
CA ILE A 194 12.85 -0.87 -15.66
C ILE A 194 12.14 0.03 -14.66
N TYR A 195 10.86 -0.20 -14.41
CA TYR A 195 10.20 0.59 -13.39
C TYR A 195 10.83 0.36 -12.02
N ASN A 196 11.23 -0.88 -11.72
CA ASN A 196 11.86 -1.11 -10.42
C ASN A 196 13.26 -0.51 -10.35
N VAL A 197 14.05 -0.67 -11.42
CA VAL A 197 15.37 -0.03 -11.43
C VAL A 197 15.24 1.46 -11.17
N PHE A 198 14.30 2.11 -11.86
CA PHE A 198 14.18 3.55 -11.70
C PHE A 198 13.60 3.95 -10.36
N ALA A 199 12.69 3.16 -9.79
CA ALA A 199 12.20 3.51 -8.46
C ALA A 199 13.31 3.46 -7.44
N ARG A 200 14.17 2.44 -7.50
CA ARG A 200 15.30 2.40 -6.56
C ARG A 200 16.26 3.56 -6.79
N GLN A 201 16.57 3.86 -8.05
CA GLN A 201 17.51 4.95 -8.32
C GLN A 201 16.95 6.29 -7.87
N ILE A 202 15.66 6.53 -8.06
CA ILE A 202 15.07 7.79 -7.63
C ILE A 202 15.08 7.90 -6.11
N GLY A 203 14.76 6.80 -5.42
CA GLY A 203 14.84 6.85 -3.96
C GLY A 203 16.23 7.20 -3.48
N GLY A 204 17.24 6.55 -4.05
CA GLY A 204 18.61 6.84 -3.64
C GLY A 204 19.00 8.28 -3.91
N PHE A 205 18.66 8.77 -5.10
CA PHE A 205 19.02 10.15 -5.43
C PHE A 205 18.30 11.13 -4.54
N LYS A 206 17.02 10.91 -4.26
CA LYS A 206 16.30 11.85 -3.42
C LYS A 206 16.85 11.85 -2.00
N ALA A 207 17.35 10.71 -1.51
CA ALA A 207 18.00 10.71 -0.21
C ALA A 207 19.31 11.49 -0.24
N MET A 208 20.08 11.36 -1.31
CA MET A 208 21.30 12.17 -1.43
C MET A 208 20.98 13.66 -1.44
N LEU A 209 19.94 14.04 -2.17
CA LEU A 209 19.53 15.43 -2.20
C LEU A 209 19.09 15.91 -0.82
N GLY A 210 18.33 15.08 -0.10
CA GLY A 210 17.97 15.44 1.26
C GLY A 210 19.17 15.61 2.15
N ASP A 211 20.23 14.83 1.93
CA ASP A 211 21.45 15.02 2.69
C ASP A 211 22.04 16.41 2.46
N VAL A 212 22.10 16.83 1.20
CA VAL A 212 22.67 18.15 0.93
C VAL A 212 21.78 19.26 1.50
N ALA A 213 20.46 19.07 1.43
CA ALA A 213 19.55 20.07 2.00
C ALA A 213 19.74 20.18 3.52
N ALA A 214 19.85 19.04 4.20
CA ALA A 214 20.05 19.09 5.64
C ALA A 214 21.39 19.71 5.99
N GLN A 215 22.42 19.46 5.19
CA GLN A 215 23.70 20.10 5.46
C GLN A 215 23.59 21.62 5.37
N VAL A 216 22.91 22.12 4.33
CA VAL A 216 22.70 23.56 4.20
C VAL A 216 21.96 24.10 5.41
N LEU A 217 20.90 23.41 5.84
CA LEU A 217 20.10 23.87 6.96
C LEU A 217 20.93 23.97 8.23
N LEU A 218 21.71 22.94 8.53
CA LEU A 218 22.49 22.95 9.76
C LEU A 218 23.55 24.04 9.73
N LEU A 219 24.20 24.23 8.58
CA LEU A 219 25.17 25.31 8.49
C LEU A 219 24.53 26.65 8.80
N GLN A 220 23.41 26.94 8.15
CA GLN A 220 22.74 28.21 8.37
C GLN A 220 22.31 28.37 9.82
N SER A 221 21.84 27.29 10.44
CA SER A 221 21.35 27.39 11.80
C SER A 221 22.49 27.68 12.78
N ARG A 222 23.60 26.96 12.64
CA ARG A 222 24.75 27.25 13.48
C ARG A 222 25.19 28.70 13.33
N ASP A 223 25.26 29.19 12.10
CA ASP A 223 25.74 30.56 11.92
C ASP A 223 24.79 31.57 12.52
N LEU A 224 23.49 31.38 12.36
CA LEU A 224 22.51 32.27 12.98
C LEU A 224 22.67 32.29 14.50
N ASP A 225 22.72 31.12 15.12
CA ASP A 225 22.79 31.07 16.58
C ASP A 225 24.10 31.64 17.09
N LEU A 226 25.21 31.33 16.44
CA LEU A 226 26.50 31.83 16.86
C LEU A 226 26.59 33.34 16.71
N GLU A 227 26.09 33.88 15.59
CA GLU A 227 26.04 35.32 15.42
C GLU A 227 25.21 35.97 16.52
N ALA A 228 24.03 35.42 16.79
CA ALA A 228 23.15 36.03 17.79
C ALA A 228 23.80 36.03 19.17
N SER A 229 24.41 34.92 19.57
CA SER A 229 25.00 34.85 20.89
C SER A 229 26.23 35.74 20.99
N ALA A 230 27.05 35.79 19.93
CA ALA A 230 28.21 36.67 19.96
C ALA A 230 27.81 38.13 20.05
N ALA A 231 26.75 38.51 19.32
CA ALA A 231 26.32 39.90 19.37
C ALA A 231 25.67 40.24 20.71
N ALA A 232 24.93 39.31 21.30
CA ALA A 232 24.28 39.60 22.58
C ALA A 232 25.31 39.69 23.71
N HIS A 233 26.23 38.73 23.78
CA HIS A 233 27.25 38.71 24.83
C HIS A 233 28.63 38.79 24.18
N LEU B 10 -23.16 -16.39 -39.08
CA LEU B 10 -23.25 -15.72 -37.79
C LEU B 10 -21.99 -14.93 -37.50
N SER B 11 -22.13 -13.92 -36.63
CA SER B 11 -21.01 -13.05 -36.25
C SER B 11 -21.06 -12.84 -34.74
N VAL B 12 -20.27 -11.87 -34.27
CA VAL B 12 -20.21 -11.60 -32.84
C VAL B 12 -21.54 -11.10 -32.31
N TRP B 13 -22.28 -10.33 -33.12
CA TRP B 13 -23.61 -9.90 -32.69
C TRP B 13 -24.52 -11.10 -32.47
N GLY B 14 -24.56 -12.01 -33.44
CA GLY B 14 -25.33 -13.24 -33.27
C GLY B 14 -24.82 -14.09 -32.13
N MET B 15 -23.54 -13.95 -31.79
CA MET B 15 -23.02 -14.63 -30.61
C MET B 15 -23.63 -14.04 -29.35
N TYR B 16 -23.73 -12.72 -29.27
CA TYR B 16 -24.34 -12.10 -28.10
C TYR B 16 -25.82 -12.41 -28.02
N GLN B 17 -26.51 -12.52 -29.16
CA GLN B 17 -27.96 -12.64 -29.14
C GLN B 17 -28.41 -13.93 -28.47
N HIS B 18 -27.65 -15.01 -28.63
CA HIS B 18 -28.05 -16.32 -28.14
C HIS B 18 -27.25 -16.76 -26.92
N ALA B 19 -26.87 -15.82 -26.06
CA ALA B 19 -26.17 -16.16 -24.83
C ALA B 19 -27.15 -16.23 -23.67
N ASP B 20 -26.72 -16.87 -22.59
CA ASP B 20 -27.56 -17.07 -21.44
C ASP B 20 -27.98 -15.74 -20.83
N ILE B 21 -29.03 -15.79 -20.01
CA ILE B 21 -29.56 -14.56 -19.40
C ILE B 21 -28.51 -13.94 -18.48
N VAL B 22 -27.88 -14.75 -17.64
CA VAL B 22 -26.91 -14.20 -16.72
C VAL B 22 -25.70 -13.67 -17.46
N VAL B 23 -25.32 -14.30 -18.55
CA VAL B 23 -24.18 -13.78 -19.31
C VAL B 23 -24.56 -12.48 -19.98
N LYS B 24 -25.80 -12.34 -20.44
CA LYS B 24 -26.22 -11.06 -20.99
C LYS B 24 -26.25 -9.97 -19.94
N CYS B 25 -26.61 -10.31 -18.69
CA CYS B 25 -26.58 -9.28 -17.65
C CYS B 25 -25.16 -8.91 -17.27
N VAL B 26 -24.25 -9.87 -17.26
CA VAL B 26 -22.83 -9.53 -17.08
C VAL B 26 -22.38 -8.56 -18.16
N MET B 27 -22.70 -8.87 -19.42
CA MET B 27 -22.22 -8.03 -20.52
C MET B 27 -22.85 -6.65 -20.48
N ILE B 28 -24.13 -6.55 -20.14
CA ILE B 28 -24.76 -5.24 -20.03
C ILE B 28 -24.12 -4.43 -18.90
N GLY B 29 -23.90 -5.05 -17.75
CA GLY B 29 -23.26 -4.34 -16.67
C GLY B 29 -21.88 -3.83 -17.05
N LEU B 30 -21.12 -4.65 -17.76
CA LEU B 30 -19.77 -4.22 -18.11
C LEU B 30 -19.75 -3.15 -19.19
N ILE B 31 -20.65 -3.20 -20.16
CA ILE B 31 -20.70 -2.14 -21.15
C ILE B 31 -21.15 -0.83 -20.52
N LEU B 32 -22.09 -0.88 -19.56
CA LEU B 32 -22.45 0.37 -18.89
C LEU B 32 -21.33 0.89 -18.01
N ALA B 33 -20.56 0.00 -17.38
CA ALA B 33 -19.40 0.46 -16.65
C ALA B 33 -18.39 1.13 -17.57
N SER B 34 -18.20 0.59 -18.78
CA SER B 34 -17.34 1.26 -19.75
C SER B 34 -17.88 2.64 -20.12
N VAL B 35 -19.18 2.75 -20.36
CA VAL B 35 -19.74 4.03 -20.76
C VAL B 35 -19.55 5.08 -19.68
N VAL B 36 -19.73 4.68 -18.42
CA VAL B 36 -19.49 5.65 -17.36
C VAL B 36 -18.00 5.98 -17.24
N THR B 37 -17.11 5.02 -17.49
CA THR B 37 -15.69 5.34 -17.48
C THR B 37 -15.36 6.40 -18.52
N TRP B 38 -15.94 6.31 -19.71
CA TRP B 38 -15.60 7.29 -20.71
C TRP B 38 -16.25 8.65 -20.45
N ALA B 39 -17.47 8.68 -19.94
CA ALA B 39 -18.04 9.97 -19.55
C ALA B 39 -17.19 10.66 -18.49
N ILE B 40 -16.74 9.90 -17.49
CA ILE B 40 -15.87 10.43 -16.46
C ILE B 40 -14.59 10.96 -17.08
N PHE B 41 -13.97 10.20 -17.97
CA PHE B 41 -12.72 10.64 -18.59
C PHE B 41 -12.89 11.98 -19.28
N PHE B 42 -13.95 12.14 -20.07
CA PHE B 42 -14.09 13.39 -20.82
C PHE B 42 -14.34 14.57 -19.89
N SER B 43 -15.29 14.43 -18.96
CA SER B 43 -15.56 15.54 -18.05
C SER B 43 -14.32 15.93 -17.26
N LYS B 44 -13.71 14.95 -16.59
CA LYS B 44 -12.57 15.24 -15.74
C LYS B 44 -11.40 15.78 -16.54
N SER B 45 -11.24 15.34 -17.80
CA SER B 45 -10.12 15.85 -18.57
C SER B 45 -10.29 17.34 -18.85
N VAL B 46 -11.48 17.75 -19.26
CA VAL B 46 -11.67 19.18 -19.52
C VAL B 46 -11.49 19.99 -18.24
N GLU B 47 -12.03 19.51 -17.12
CA GLU B 47 -11.91 20.30 -15.91
C GLU B 47 -10.48 20.40 -15.43
N PHE B 48 -9.71 19.32 -15.53
CA PHE B 48 -8.30 19.41 -15.13
C PHE B 48 -7.55 20.37 -16.01
N PHE B 49 -7.74 20.30 -17.32
CA PHE B 49 -7.02 21.22 -18.20
C PHE B 49 -7.30 22.67 -17.81
N ASN B 50 -8.58 23.02 -17.63
CA ASN B 50 -8.89 24.41 -17.31
C ASN B 50 -8.34 24.82 -15.94
N GLN B 51 -8.51 23.97 -14.93
CA GLN B 51 -8.03 24.29 -13.59
C GLN B 51 -6.53 24.51 -13.59
N LYS B 52 -5.78 23.58 -14.18
CA LYS B 52 -4.34 23.69 -14.16
C LYS B 52 -3.85 24.86 -14.98
N ARG B 53 -4.55 25.21 -16.06
CA ARG B 53 -4.14 26.39 -16.80
C ARG B 53 -4.28 27.66 -15.97
N ARG B 54 -5.45 27.86 -15.36
CA ARG B 54 -5.61 29.03 -14.50
C ARG B 54 -4.55 29.06 -13.41
N LEU B 55 -4.34 27.93 -12.75
CA LEU B 55 -3.44 27.93 -11.60
C LEU B 55 -2.01 28.21 -12.00
N LYS B 56 -1.56 27.63 -13.13
CA LYS B 56 -0.20 27.88 -13.56
C LYS B 56 -0.02 29.35 -13.90
N ARG B 57 -1.01 29.96 -14.57
CA ARG B 57 -0.88 31.39 -14.85
C ARG B 57 -0.80 32.20 -13.56
N GLU B 58 -1.67 31.88 -12.60
CA GLU B 58 -1.70 32.61 -11.31
C GLU B 58 -0.35 32.50 -10.61
N GLN B 59 0.19 31.29 -10.50
CA GLN B 59 1.46 31.12 -9.78
C GLN B 59 2.59 31.85 -10.49
N GLN B 60 2.63 31.76 -11.82
CA GLN B 60 3.67 32.50 -12.55
C GLN B 60 3.48 34.01 -12.44
N LEU B 61 2.27 34.49 -12.12
CA LEU B 61 2.11 35.90 -11.82
C LEU B 61 2.59 36.24 -10.42
N LEU B 62 2.31 35.38 -9.45
CA LEU B 62 2.65 35.66 -8.06
C LEU B 62 4.11 35.36 -7.75
N ALA B 63 4.87 34.82 -8.69
CA ALA B 63 6.27 34.55 -8.42
C ALA B 63 7.06 35.82 -8.15
N GLU B 64 6.48 36.98 -8.46
CA GLU B 64 7.14 38.27 -8.25
C GLU B 64 6.43 39.13 -7.22
N ALA B 65 5.98 38.54 -6.12
CA ALA B 65 5.10 39.25 -5.20
C ALA B 65 5.88 40.26 -4.36
N ARG B 66 6.82 39.79 -3.55
CA ARG B 66 7.68 40.54 -2.65
C ARG B 66 6.99 41.05 -1.39
N SER B 67 5.67 40.91 -1.26
CA SER B 67 4.95 41.39 -0.09
C SER B 67 3.51 40.93 -0.18
N LEU B 68 2.86 40.85 0.98
CA LEU B 68 1.47 40.40 1.00
C LEU B 68 0.52 41.47 0.48
N ASN B 69 0.82 42.75 0.73
CA ASN B 69 -0.01 43.82 0.17
C ASN B 69 0.12 43.87 -1.35
N GLN B 70 1.34 43.75 -1.87
CA GLN B 70 1.51 43.71 -3.31
C GLN B 70 0.85 42.50 -3.92
N ALA B 71 0.93 41.35 -3.25
CA ALA B 71 0.27 40.16 -3.78
C ALA B 71 -1.24 40.35 -3.80
N ASN B 72 -1.79 41.01 -2.79
CA ASN B 72 -3.22 41.26 -2.79
C ASN B 72 -3.63 42.20 -3.92
N ASP B 73 -2.84 43.25 -4.15
CA ASP B 73 -3.16 44.16 -5.25
C ASP B 73 -2.94 43.50 -6.61
N ILE B 74 -2.07 42.51 -6.71
CA ILE B 74 -1.94 41.76 -7.96
C ILE B 74 -3.17 40.90 -8.19
N ALA B 75 -3.54 40.10 -7.19
CA ALA B 75 -4.63 39.15 -7.33
C ALA B 75 -5.99 39.76 -7.06
N ALA B 76 -6.08 41.07 -6.91
CA ALA B 76 -7.36 41.69 -6.62
C ALA B 76 -8.42 41.36 -7.67
N ASP B 77 -8.00 41.08 -8.91
CA ASP B 77 -8.92 40.63 -9.96
C ASP B 77 -8.35 39.36 -10.59
N PHE B 78 -8.58 38.23 -9.92
CA PHE B 78 -8.37 36.91 -10.50
C PHE B 78 -9.70 36.19 -10.64
N GLY B 79 -10.80 36.93 -10.74
CA GLY B 79 -12.11 36.33 -10.82
C GLY B 79 -12.67 36.03 -9.44
N SER B 80 -13.30 34.87 -9.30
CA SER B 80 -13.73 34.41 -7.98
C SER B 80 -13.47 32.94 -7.74
N LYS B 81 -13.20 32.15 -8.78
CA LYS B 81 -12.86 30.75 -8.61
C LYS B 81 -11.36 30.54 -8.42
N SER B 82 -10.60 31.61 -8.31
CA SER B 82 -9.16 31.49 -8.19
C SER B 82 -8.80 30.89 -6.84
N LEU B 83 -8.30 29.66 -6.84
CA LEU B 83 -7.78 29.07 -5.61
C LEU B 83 -6.70 29.94 -5.02
N SER B 84 -5.83 30.49 -5.87
CA SER B 84 -4.80 31.42 -5.44
C SER B 84 -5.37 32.74 -5.00
N LEU B 85 -6.68 32.93 -5.07
CA LEU B 85 -7.32 34.06 -4.41
C LEU B 85 -7.99 33.66 -3.11
N HIS B 86 -8.54 32.45 -3.04
CA HIS B 86 -9.07 31.98 -1.76
C HIS B 86 -7.97 31.90 -0.72
N LEU B 87 -6.77 31.49 -1.11
CA LEU B 87 -5.68 31.40 -0.15
C LEU B 87 -5.24 32.78 0.32
N LEU B 88 -5.07 33.73 -0.60
CA LEU B 88 -4.71 35.08 -0.18
C LEU B 88 -5.77 35.67 0.74
N ASN B 89 -7.04 35.46 0.41
CA ASN B 89 -8.07 36.03 1.26
C ASN B 89 -8.20 35.31 2.59
N GLU B 90 -7.75 34.06 2.69
CA GLU B 90 -7.72 33.43 4.01
C GLU B 90 -6.60 33.99 4.87
N ALA B 91 -5.41 34.19 4.28
CA ALA B 91 -4.34 34.83 5.04
C ALA B 91 -4.78 36.21 5.51
N GLN B 92 -5.33 37.02 4.62
CA GLN B 92 -5.78 38.36 5.02
C GLN B 92 -6.92 38.30 6.03
N ASN B 93 -7.83 37.34 5.88
CA ASN B 93 -8.94 37.23 6.83
C ASN B 93 -8.43 36.91 8.22
N GLU B 94 -7.42 36.05 8.32
CA GLU B 94 -6.87 35.76 9.64
C GLU B 94 -6.15 36.97 10.22
N LEU B 95 -5.33 37.64 9.41
CA LEU B 95 -4.65 38.85 9.87
C LEU B 95 -5.63 39.94 10.28
N GLU B 96 -6.88 39.87 9.84
CA GLU B 96 -7.86 40.85 10.26
C GLU B 96 -8.72 40.40 11.43
N LEU B 97 -8.97 39.09 11.56
CA LEU B 97 -9.71 38.61 12.72
C LEU B 97 -8.85 38.64 13.98
N SER B 98 -7.53 38.57 13.82
CA SER B 98 -6.63 38.64 14.97
C SER B 98 -6.09 40.06 15.19
N GLU B 99 -6.88 41.07 14.88
CA GLU B 99 -6.46 42.44 15.18
C GLU B 99 -6.68 42.72 16.66
N GLY B 100 -5.74 43.43 17.25
CA GLY B 100 -5.68 43.58 18.69
C GLY B 100 -4.82 42.56 19.39
N SER B 101 -4.59 41.41 18.76
CA SER B 101 -3.67 40.43 19.29
C SER B 101 -2.24 40.88 19.02
N ASP B 102 -1.36 40.71 20.00
CA ASP B 102 0.03 41.11 19.88
C ASP B 102 0.96 39.92 19.69
N ASP B 103 0.44 38.71 19.74
CA ASP B 103 1.24 37.51 19.53
C ASP B 103 1.24 37.18 18.04
N ASN B 104 2.42 37.28 17.41
CA ASN B 104 2.51 37.00 15.99
C ASN B 104 2.68 35.52 15.69
N GLU B 105 3.28 34.77 16.60
CA GLU B 105 3.38 33.34 16.37
C GLU B 105 2.01 32.71 16.33
N GLY B 106 1.07 33.21 17.12
CA GLY B 106 -0.30 32.74 17.02
C GLY B 106 -0.88 32.97 15.65
N ILE B 107 -0.69 34.18 15.10
CA ILE B 107 -1.26 34.50 13.80
C ILE B 107 -0.66 33.60 12.73
N LYS B 108 0.65 33.42 12.75
CA LYS B 108 1.29 32.55 11.78
C LYS B 108 0.78 31.13 11.90
N GLU B 109 0.62 30.64 13.13
CA GLU B 109 0.18 29.26 13.34
C GLU B 109 -1.23 29.05 12.82
N ARG B 110 -2.14 29.97 13.14
CA ARG B 110 -3.51 29.81 12.69
C ARG B 110 -3.60 29.93 11.18
N THR B 111 -2.86 30.85 10.57
CA THR B 111 -2.91 30.96 9.11
C THR B 111 -2.39 29.69 8.47
N SER B 112 -1.28 29.16 8.96
CA SER B 112 -0.76 27.92 8.37
C SER B 112 -1.75 26.78 8.52
N PHE B 113 -2.44 26.74 9.66
CA PHE B 113 -3.41 25.68 9.88
C PHE B 113 -4.56 25.78 8.88
N ARG B 114 -5.12 26.98 8.71
CA ARG B 114 -6.21 27.15 7.76
C ARG B 114 -5.76 26.84 6.34
N LEU B 115 -4.54 27.23 5.96
CA LEU B 115 -4.14 27.00 4.58
C LEU B 115 -3.89 25.54 4.29
N GLU B 116 -3.28 24.81 5.23
CA GLU B 116 -3.17 23.36 5.02
C GLU B 116 -4.56 22.73 4.93
N ARG B 117 -5.48 23.18 5.78
CA ARG B 117 -6.84 22.68 5.75
C ARG B 117 -7.47 22.85 4.37
N ARG B 118 -7.37 24.06 3.82
CA ARG B 118 -8.06 24.34 2.57
C ARG B 118 -7.38 23.72 1.36
N VAL B 119 -6.05 23.60 1.37
CA VAL B 119 -5.39 22.87 0.29
C VAL B 119 -5.82 21.40 0.29
N ALA B 120 -5.95 20.80 1.47
CA ALA B 120 -6.45 19.43 1.53
C ALA B 120 -7.88 19.35 1.00
N ALA B 121 -8.70 20.35 1.30
CA ALA B 121 -10.07 20.33 0.81
C ALA B 121 -10.12 20.37 -0.71
N VAL B 122 -9.32 21.24 -1.33
CA VAL B 122 -9.34 21.33 -2.79
C VAL B 122 -8.84 20.03 -3.41
N GLY B 123 -7.83 19.40 -2.80
CA GLY B 123 -7.39 18.12 -3.31
C GLY B 123 -8.47 17.06 -3.26
N ARG B 124 -9.20 16.99 -2.14
CA ARG B 124 -10.27 16.00 -2.04
C ARG B 124 -11.40 16.29 -3.01
N GLN B 125 -11.63 17.56 -3.36
CA GLN B 125 -12.63 17.80 -4.40
C GLN B 125 -12.13 17.42 -5.78
N MET B 126 -10.84 17.60 -6.06
CA MET B 126 -10.32 17.20 -7.37
C MET B 126 -10.45 15.70 -7.55
N GLY B 127 -10.07 14.93 -6.54
CA GLY B 127 -10.16 13.49 -6.66
C GLY B 127 -11.55 12.95 -6.43
N ARG B 128 -12.49 13.33 -7.30
CA ARG B 128 -13.90 12.96 -7.17
C ARG B 128 -14.32 12.20 -8.41
N GLY B 129 -14.61 10.92 -8.24
CA GLY B 129 -14.79 9.98 -9.34
C GLY B 129 -13.66 8.97 -9.43
N ASN B 130 -12.47 9.35 -8.97
CA ASN B 130 -11.36 8.41 -8.94
C ASN B 130 -11.70 7.15 -8.18
N GLY B 131 -12.52 7.23 -7.14
CA GLY B 131 -12.91 6.03 -6.44
C GLY B 131 -13.67 5.07 -7.34
N TYR B 132 -14.56 5.60 -8.16
CA TYR B 132 -15.31 4.77 -9.09
C TYR B 132 -14.41 4.17 -10.15
N LEU B 133 -13.50 4.96 -10.72
CA LEU B 133 -12.57 4.40 -11.70
C LEU B 133 -11.73 3.30 -11.10
N ALA B 134 -11.26 3.48 -9.86
CA ALA B 134 -10.47 2.45 -9.22
C ALA B 134 -11.29 1.18 -9.00
N THR B 135 -12.52 1.33 -8.52
CA THR B 135 -13.39 0.17 -8.34
C THR B 135 -13.56 -0.63 -9.63
N ILE B 136 -13.93 0.05 -10.73
CA ILE B 136 -14.07 -0.68 -11.99
C ILE B 136 -12.77 -1.34 -12.39
N GLY B 137 -11.71 -0.55 -12.53
CA GLY B 137 -10.47 -1.10 -13.05
C GLY B 137 -9.95 -2.25 -12.24
N ALA B 138 -10.28 -2.31 -10.96
CA ALA B 138 -9.79 -3.40 -10.12
C ALA B 138 -10.74 -4.58 -10.02
N ILE B 139 -12.02 -4.38 -10.31
CA ILE B 139 -12.99 -5.45 -10.15
C ILE B 139 -13.33 -6.13 -11.47
N SER B 140 -13.48 -5.38 -12.55
CA SER B 140 -14.04 -5.92 -13.80
C SER B 140 -13.47 -7.25 -14.27
N PRO B 141 -12.19 -7.55 -14.10
CA PRO B 141 -11.74 -8.90 -14.46
C PRO B 141 -12.44 -10.00 -13.68
N PHE B 142 -12.93 -9.73 -12.48
CA PHE B 142 -13.64 -10.77 -11.73
C PHE B 142 -15.09 -10.90 -12.18
N VAL B 143 -15.73 -9.83 -12.63
CA VAL B 143 -17.03 -9.99 -13.28
C VAL B 143 -16.86 -10.74 -14.60
N GLY B 144 -15.79 -10.47 -15.33
CA GLY B 144 -15.51 -11.26 -16.52
C GLY B 144 -15.30 -12.72 -16.21
N LEU B 145 -14.54 -13.03 -15.15
CA LEU B 145 -14.33 -14.42 -14.77
C LEU B 145 -15.61 -15.09 -14.31
N PHE B 146 -16.51 -14.35 -13.66
CA PHE B 146 -17.82 -14.92 -13.37
C PHE B 146 -18.55 -15.28 -14.65
N GLY B 147 -18.51 -14.39 -15.66
CA GLY B 147 -19.11 -14.72 -16.94
C GLY B 147 -18.49 -15.95 -17.58
N THR B 148 -17.17 -16.05 -17.54
CA THR B 148 -16.49 -17.20 -18.13
C THR B 148 -16.87 -18.49 -17.44
N VAL B 149 -16.92 -18.48 -16.11
CA VAL B 149 -17.25 -19.69 -15.36
C VAL B 149 -18.69 -20.09 -15.62
N TRP B 150 -19.59 -19.12 -15.76
CA TRP B 150 -20.94 -19.46 -16.15
C TRP B 150 -20.99 -20.07 -17.54
N GLY B 151 -20.16 -19.56 -18.46
CA GLY B 151 -20.14 -20.12 -19.80
C GLY B 151 -19.65 -21.56 -19.82
N ILE B 152 -18.57 -21.84 -19.10
CA ILE B 152 -18.04 -23.19 -19.04
C ILE B 152 -19.03 -24.13 -18.36
N MET B 153 -19.63 -23.67 -17.26
CA MET B 153 -20.59 -24.51 -16.55
C MET B 153 -21.79 -24.82 -17.44
N ASN B 154 -22.21 -23.88 -18.27
CA ASN B 154 -23.34 -24.15 -19.17
C ASN B 154 -22.93 -25.06 -20.31
N SER B 155 -21.69 -24.95 -20.79
CA SER B 155 -21.17 -25.94 -21.72
C SER B 155 -21.27 -27.34 -21.14
N PHE B 156 -20.93 -27.50 -19.86
CA PHE B 156 -20.91 -28.83 -19.28
C PHE B 156 -22.33 -29.35 -19.03
N ILE B 157 -23.21 -28.50 -18.51
CA ILE B 157 -24.61 -28.90 -18.43
C ILE B 157 -25.12 -29.30 -19.81
N GLY B 158 -24.62 -28.65 -20.87
CA GLY B 158 -25.04 -29.03 -22.21
C GLY B 158 -24.57 -30.42 -22.59
N ILE B 159 -23.28 -30.69 -22.42
CA ILE B 159 -22.74 -32.00 -22.80
C ILE B 159 -23.22 -33.10 -21.87
N ALA B 160 -23.84 -32.75 -20.75
CA ALA B 160 -24.49 -33.75 -19.91
C ALA B 160 -25.92 -34.00 -20.33
N GLN B 161 -26.58 -33.00 -20.90
CA GLN B 161 -27.96 -33.17 -21.36
C GLN B 161 -28.03 -34.23 -22.45
N THR B 162 -27.28 -34.05 -23.53
CA THR B 162 -27.06 -35.12 -24.47
C THR B 162 -26.01 -36.07 -23.89
N GLN B 163 -25.69 -37.13 -24.63
CA GLN B 163 -24.71 -38.10 -24.18
C GLN B 163 -23.39 -37.97 -24.94
N THR B 164 -23.32 -37.08 -25.91
CA THR B 164 -22.14 -36.96 -26.76
C THR B 164 -21.34 -35.72 -26.40
N THR B 165 -20.10 -35.64 -26.89
CA THR B 165 -19.23 -34.49 -26.70
C THR B 165 -18.64 -34.07 -28.05
N ASN B 166 -19.37 -33.23 -28.79
CA ASN B 166 -18.92 -32.73 -30.07
C ASN B 166 -18.58 -31.25 -29.95
N LEU B 167 -18.30 -30.61 -31.08
CA LEU B 167 -18.15 -29.16 -31.09
C LEU B 167 -19.47 -28.43 -31.04
N ALA B 168 -20.54 -29.03 -31.57
CA ALA B 168 -21.83 -28.35 -31.61
C ALA B 168 -22.43 -28.20 -30.22
N VAL B 169 -22.21 -29.17 -29.34
CA VAL B 169 -22.78 -29.11 -28.00
C VAL B 169 -21.95 -28.23 -27.07
N VAL B 170 -20.73 -27.87 -27.47
CA VAL B 170 -19.86 -27.03 -26.65
C VAL B 170 -19.77 -25.61 -27.20
N ALA B 171 -20.15 -25.38 -28.45
CA ALA B 171 -20.12 -24.05 -29.02
C ALA B 171 -20.78 -22.98 -28.15
N PRO B 172 -21.97 -23.19 -27.58
CA PRO B 172 -22.55 -22.10 -26.76
C PRO B 172 -21.70 -21.75 -25.56
N GLY B 173 -21.22 -22.74 -24.82
CA GLY B 173 -20.40 -22.45 -23.66
C GLY B 173 -19.14 -21.71 -24.04
N ILE B 174 -18.56 -22.04 -25.18
CA ILE B 174 -17.32 -21.39 -25.59
C ILE B 174 -17.60 -19.96 -26.03
N ALA B 175 -18.72 -19.73 -26.73
CA ALA B 175 -19.10 -18.37 -27.08
C ALA B 175 -19.25 -17.52 -25.83
N GLU B 176 -19.93 -18.03 -24.82
CA GLU B 176 -20.08 -17.28 -23.58
C GLU B 176 -18.73 -17.02 -22.94
N ALA B 177 -17.91 -18.06 -22.79
CA ALA B 177 -16.64 -17.91 -22.11
C ALA B 177 -15.74 -16.90 -22.80
N LEU B 178 -15.80 -16.82 -24.13
CA LEU B 178 -14.93 -15.86 -24.82
C LEU B 178 -15.50 -14.45 -24.73
N LEU B 179 -16.79 -14.29 -25.02
CA LEU B 179 -17.35 -12.95 -25.10
C LEU B 179 -17.36 -12.26 -23.75
N ALA B 180 -17.69 -12.99 -22.68
CA ALA B 180 -17.76 -12.36 -21.37
C ALA B 180 -16.41 -11.83 -20.93
N THR B 181 -15.35 -12.60 -21.12
CA THR B 181 -14.04 -12.11 -20.71
C THR B 181 -13.46 -11.10 -21.68
N ALA B 182 -13.86 -11.14 -22.96
CA ALA B 182 -13.43 -10.07 -23.87
C ALA B 182 -14.01 -8.73 -23.44
N ILE B 183 -15.29 -8.69 -23.07
CA ILE B 183 -15.81 -7.42 -22.56
C ILE B 183 -15.22 -7.09 -21.19
N GLY B 184 -14.91 -8.09 -20.38
CA GLY B 184 -14.19 -7.79 -19.14
C GLY B 184 -12.91 -7.00 -19.39
N LEU B 185 -12.11 -7.47 -20.35
CA LEU B 185 -10.87 -6.75 -20.68
C LEU B 185 -11.16 -5.39 -21.29
N VAL B 186 -12.14 -5.29 -22.18
CA VAL B 186 -12.42 -4.01 -22.80
C VAL B 186 -12.89 -2.99 -21.77
N ALA B 187 -13.50 -3.44 -20.68
CA ALA B 187 -13.94 -2.50 -19.66
C ALA B 187 -12.94 -2.28 -18.55
N ALA B 188 -11.93 -3.13 -18.42
CA ALA B 188 -10.92 -2.94 -17.38
C ALA B 188 -9.59 -2.40 -17.86
N ILE B 189 -9.34 -2.30 -19.17
CA ILE B 189 -8.08 -1.71 -19.62
C ILE B 189 -8.16 -0.19 -19.55
N PRO B 190 -9.14 0.48 -20.17
CA PRO B 190 -9.19 1.93 -20.06
C PRO B 190 -9.44 2.45 -18.65
N ALA B 191 -10.10 1.69 -17.79
CA ALA B 191 -10.24 2.14 -16.41
C ALA B 191 -8.89 2.29 -15.74
N VAL B 192 -7.97 1.35 -15.96
CA VAL B 192 -6.64 1.47 -15.38
C VAL B 192 -5.84 2.58 -16.04
N VAL B 193 -5.86 2.63 -17.38
CA VAL B 193 -5.13 3.71 -18.06
C VAL B 193 -5.57 5.07 -17.51
N ILE B 194 -6.87 5.29 -17.46
CA ILE B 194 -7.41 6.60 -17.10
C ILE B 194 -7.20 6.89 -15.62
N TYR B 195 -7.42 5.91 -14.76
CA TYR B 195 -7.17 6.12 -13.35
C TYR B 195 -5.73 6.53 -13.12
N ASN B 196 -4.80 5.97 -13.88
CA ASN B 196 -3.41 6.33 -13.67
C ASN B 196 -3.10 7.74 -14.17
N VAL B 197 -3.60 8.10 -15.35
CA VAL B 197 -3.30 9.45 -15.81
C VAL B 197 -3.91 10.48 -14.86
N PHE B 198 -5.07 10.19 -14.29
CA PHE B 198 -5.67 11.17 -13.40
C PHE B 198 -5.03 11.20 -12.03
N ALA B 199 -4.54 10.06 -11.52
CA ALA B 199 -3.81 10.13 -10.27
C ALA B 199 -2.52 10.94 -10.45
N ARG B 200 -1.83 10.76 -11.57
CA ARG B 200 -0.63 11.55 -11.81
C ARG B 200 -0.96 13.03 -11.90
N GLN B 201 -2.02 13.38 -12.63
CA GLN B 201 -2.35 14.80 -12.79
C GLN B 201 -2.83 15.42 -11.48
N ILE B 202 -3.54 14.67 -10.64
CA ILE B 202 -3.96 15.21 -9.36
C ILE B 202 -2.76 15.42 -8.44
N GLY B 203 -1.79 14.50 -8.46
CA GLY B 203 -0.58 14.73 -7.70
C GLY B 203 0.14 15.99 -8.12
N GLY B 204 0.29 16.18 -9.43
CA GLY B 204 0.92 17.40 -9.92
C GLY B 204 0.18 18.65 -9.52
N PHE B 205 -1.15 18.62 -9.62
CA PHE B 205 -1.92 19.81 -9.29
C PHE B 205 -1.87 20.10 -7.80
N LYS B 206 -1.95 19.07 -6.96
CA LYS B 206 -1.85 19.32 -5.53
C LYS B 206 -0.50 19.89 -5.17
N ALA B 207 0.55 19.49 -5.87
CA ALA B 207 1.85 20.10 -5.64
C ALA B 207 1.88 21.57 -6.04
N MET B 208 1.31 21.91 -7.20
CA MET B 208 1.27 23.32 -7.60
C MET B 208 0.48 24.15 -6.59
N LEU B 209 -0.63 23.61 -6.10
CA LEU B 209 -1.43 24.33 -5.11
C LEU B 209 -0.66 24.51 -3.82
N GLY B 210 0.04 23.47 -3.37
CA GLY B 210 0.88 23.61 -2.20
C GLY B 210 1.95 24.66 -2.37
N ASP B 211 2.48 24.81 -3.58
CA ASP B 211 3.53 25.81 -3.78
C ASP B 211 2.96 27.22 -3.69
N VAL B 212 1.75 27.45 -4.22
CA VAL B 212 1.15 28.77 -4.02
C VAL B 212 0.85 29.02 -2.55
N ALA B 213 0.37 27.98 -1.84
CA ALA B 213 0.12 28.13 -0.41
C ALA B 213 1.40 28.50 0.32
N ALA B 214 2.51 27.87 -0.04
CA ALA B 214 3.79 28.19 0.58
C ALA B 214 4.21 29.61 0.29
N GLN B 215 3.95 30.10 -0.92
CA GLN B 215 4.21 31.52 -1.19
C GLN B 215 3.44 32.40 -0.24
N VAL B 216 2.16 32.11 -0.04
CA VAL B 216 1.35 32.95 0.83
C VAL B 216 1.90 32.93 2.25
N LEU B 217 2.29 31.75 2.72
CA LEU B 217 2.81 31.65 4.08
C LEU B 217 4.12 32.42 4.24
N LEU B 218 5.04 32.26 3.30
CA LEU B 218 6.31 32.97 3.41
C LEU B 218 6.10 34.47 3.39
N LEU B 219 5.25 34.96 2.50
CA LEU B 219 5.01 36.40 2.43
C LEU B 219 4.42 36.92 3.73
N GLN B 220 3.40 36.23 4.25
CA GLN B 220 2.79 36.69 5.48
C GLN B 220 3.78 36.70 6.62
N SER B 221 4.53 35.61 6.80
CA SER B 221 5.44 35.50 7.92
C SER B 221 6.54 36.54 7.84
N ARG B 222 7.13 36.70 6.66
CA ARG B 222 8.17 37.69 6.47
C ARG B 222 7.65 39.08 6.81
N ASP B 223 6.43 39.39 6.39
CA ASP B 223 5.89 40.72 6.63
C ASP B 223 5.63 40.95 8.11
N LEU B 224 5.13 39.93 8.80
CA LEU B 224 4.89 40.05 10.23
C LEU B 224 6.18 40.32 10.98
N ASP B 225 7.23 39.54 10.69
CA ASP B 225 8.50 39.75 11.37
C ASP B 225 9.07 41.13 11.08
N LEU B 226 9.04 41.56 9.82
CA LEU B 226 9.60 42.86 9.48
C LEU B 226 8.85 43.99 10.17
N GLU B 227 7.51 43.93 10.17
CA GLU B 227 6.74 45.01 10.79
C GLU B 227 6.95 45.03 12.30
N ALA B 228 7.07 43.86 12.93
CA ALA B 228 7.30 43.85 14.37
C ALA B 228 8.69 44.38 14.70
N SER B 229 9.69 44.03 13.90
CA SER B 229 11.03 44.56 14.13
C SER B 229 11.06 46.08 13.96
N ALA B 230 10.40 46.58 12.91
CA ALA B 230 10.40 48.02 12.69
C ALA B 230 9.64 48.75 13.78
N ALA B 231 8.58 48.14 14.33
CA ALA B 231 7.83 48.78 15.39
C ALA B 231 8.61 48.78 16.70
N ALA B 232 9.35 47.72 16.97
CA ALA B 232 10.11 47.64 18.21
C ALA B 232 11.40 48.44 18.16
N HIS B 233 11.95 48.68 16.98
CA HIS B 233 13.19 49.44 16.81
C HIS B 233 12.95 50.59 15.85
N PRO B 234 12.73 51.81 16.36
CA PRO B 234 12.50 52.99 15.52
C PRO B 234 13.74 53.42 14.75
N ASP C 9 -28.49 -31.94 -16.79
CA ASP C 9 -28.98 -31.64 -15.46
C ASP C 9 -30.26 -30.83 -15.53
N LEU C 10 -30.58 -30.08 -14.48
CA LEU C 10 -31.89 -29.44 -14.37
C LEU C 10 -31.82 -27.92 -14.46
N SER C 11 -31.08 -27.28 -13.57
CA SER C 11 -31.09 -25.83 -13.45
C SER C 11 -30.01 -25.43 -12.47
N VAL C 12 -30.00 -24.15 -12.09
CA VAL C 12 -29.16 -23.71 -10.98
C VAL C 12 -29.74 -24.17 -9.65
N TRP C 13 -30.94 -23.69 -9.32
CA TRP C 13 -31.56 -24.02 -8.04
C TRP C 13 -31.98 -25.47 -7.94
N GLY C 14 -32.05 -26.19 -9.04
CA GLY C 14 -32.39 -27.59 -9.00
C GLY C 14 -31.14 -28.45 -9.00
N MET C 15 -30.00 -27.85 -8.69
CA MET C 15 -28.73 -28.55 -8.73
C MET C 15 -27.82 -28.10 -7.60
N TYR C 16 -28.39 -27.50 -6.55
CA TYR C 16 -27.63 -27.17 -5.36
C TYR C 16 -27.98 -28.04 -4.17
N GLN C 17 -29.04 -28.84 -4.24
CA GLN C 17 -29.36 -29.80 -3.20
C GLN C 17 -28.85 -31.20 -3.52
N HIS C 18 -28.57 -31.48 -4.79
CA HIS C 18 -28.11 -32.80 -5.21
C HIS C 18 -26.60 -32.95 -5.17
N ALA C 19 -25.88 -31.92 -4.73
CA ALA C 19 -24.44 -32.00 -4.65
C ALA C 19 -24.01 -32.78 -3.42
N ASP C 20 -22.72 -33.07 -3.33
CA ASP C 20 -22.17 -33.78 -2.19
C ASP C 20 -22.24 -32.92 -0.94
N ILE C 21 -21.86 -33.50 0.19
CA ILE C 21 -21.97 -32.79 1.45
C ILE C 21 -21.01 -31.61 1.48
N VAL C 22 -19.78 -31.78 1.00
CA VAL C 22 -18.82 -30.70 1.06
C VAL C 22 -19.23 -29.55 0.17
N VAL C 23 -19.70 -29.83 -1.04
CA VAL C 23 -20.09 -28.76 -1.95
C VAL C 23 -21.36 -28.08 -1.47
N LYS C 24 -22.30 -28.85 -0.93
CA LYS C 24 -23.51 -28.23 -0.40
C LYS C 24 -23.20 -27.31 0.76
N CYS C 25 -22.32 -27.74 1.68
CA CYS C 25 -21.98 -26.86 2.79
C CYS C 25 -21.18 -25.65 2.33
N VAL C 26 -20.35 -25.79 1.31
CA VAL C 26 -19.66 -24.63 0.76
C VAL C 26 -20.66 -23.62 0.21
N MET C 27 -21.65 -24.08 -0.55
CA MET C 27 -22.61 -23.14 -1.13
C MET C 27 -23.48 -22.50 -0.06
N ILE C 28 -23.85 -23.26 0.98
CA ILE C 28 -24.64 -22.65 2.05
C ILE C 28 -23.80 -21.61 2.81
N GLY C 29 -22.52 -21.90 3.02
CA GLY C 29 -21.68 -20.92 3.68
C GLY C 29 -21.53 -19.65 2.87
N LEU C 30 -21.41 -19.78 1.55
CA LEU C 30 -21.28 -18.58 0.73
C LEU C 30 -22.58 -17.80 0.67
N ILE C 31 -23.73 -18.47 0.65
CA ILE C 31 -24.98 -17.74 0.66
C ILE C 31 -25.15 -16.97 1.97
N LEU C 32 -24.81 -17.59 3.10
CA LEU C 32 -24.89 -16.84 4.36
C LEU C 32 -23.90 -15.70 4.40
N ALA C 33 -22.72 -15.86 3.82
CA ALA C 33 -21.78 -14.74 3.77
C ALA C 33 -22.30 -13.59 2.95
N SER C 34 -22.93 -13.89 1.81
CA SER C 34 -23.49 -12.81 1.00
C SER C 34 -24.64 -12.12 1.72
N VAL C 35 -25.46 -12.88 2.44
CA VAL C 35 -26.54 -12.24 3.19
C VAL C 35 -25.99 -11.33 4.28
N VAL C 36 -24.96 -11.78 5.00
CA VAL C 36 -24.33 -10.92 6.00
C VAL C 36 -23.76 -9.65 5.36
N THR C 37 -23.13 -9.78 4.20
CA THR C 37 -22.60 -8.60 3.52
C THR C 37 -23.69 -7.60 3.21
N TRP C 38 -24.82 -8.07 2.70
CA TRP C 38 -25.84 -7.10 2.32
C TRP C 38 -26.50 -6.48 3.54
N ALA C 39 -26.69 -7.24 4.62
CA ALA C 39 -27.23 -6.63 5.83
C ALA C 39 -26.29 -5.56 6.37
N ILE C 40 -24.99 -5.85 6.41
CA ILE C 40 -24.02 -4.87 6.87
C ILE C 40 -24.09 -3.61 6.01
N PHE C 41 -24.14 -3.79 4.69
CA PHE C 41 -24.18 -2.64 3.80
C PHE C 41 -25.38 -1.77 4.08
N PHE C 42 -26.57 -2.35 4.15
CA PHE C 42 -27.75 -1.52 4.34
C PHE C 42 -27.71 -0.78 5.67
N SER C 43 -27.40 -1.48 6.76
CA SER C 43 -27.38 -0.83 8.06
C SER C 43 -26.36 0.31 8.11
N LYS C 44 -25.09 0.00 7.83
CA LYS C 44 -24.09 1.04 7.91
C LYS C 44 -24.30 2.14 6.89
N SER C 45 -24.96 1.87 5.77
CA SER C 45 -25.18 2.93 4.80
C SER C 45 -26.21 3.92 5.30
N VAL C 46 -27.31 3.45 5.89
CA VAL C 46 -28.24 4.43 6.42
C VAL C 46 -27.60 5.19 7.58
N GLU C 47 -26.77 4.52 8.38
CA GLU C 47 -26.10 5.22 9.49
C GLU C 47 -25.17 6.31 8.98
N PHE C 48 -24.29 5.98 8.05
CA PHE C 48 -23.36 6.99 7.53
C PHE C 48 -24.11 8.15 6.93
N PHE C 49 -25.16 7.89 6.15
CA PHE C 49 -25.90 8.99 5.54
C PHE C 49 -26.45 9.93 6.60
N ASN C 50 -27.08 9.37 7.64
CA ASN C 50 -27.63 10.21 8.70
C ASN C 50 -26.54 11.03 9.37
N GLN C 51 -25.43 10.39 9.72
CA GLN C 51 -24.38 11.08 10.47
C GLN C 51 -23.78 12.21 9.64
N LYS C 52 -23.50 11.92 8.37
CA LYS C 52 -22.90 12.94 7.48
C LYS C 52 -23.85 14.14 7.35
N ARG C 53 -25.16 13.89 7.25
CA ARG C 53 -26.11 14.99 7.11
C ARG C 53 -26.14 15.86 8.36
N ARG C 54 -26.27 15.23 9.54
CA ARG C 54 -26.31 16.01 10.77
C ARG C 54 -25.05 16.82 10.96
N LEU C 55 -23.88 16.21 10.72
CA LEU C 55 -22.64 16.94 10.91
C LEU C 55 -22.52 18.10 9.93
N LYS C 56 -23.03 17.93 8.71
CA LYS C 56 -22.92 19.02 7.75
C LYS C 56 -23.77 20.21 8.19
N ARG C 57 -24.98 19.97 8.67
CA ARG C 57 -25.76 21.13 9.12
C ARG C 57 -25.18 21.75 10.37
N GLU C 58 -24.55 20.95 11.25
CA GLU C 58 -23.88 21.55 12.40
C GLU C 58 -22.71 22.42 11.98
N GLN C 59 -21.87 21.92 11.07
CA GLN C 59 -20.74 22.71 10.62
C GLN C 59 -21.19 23.99 9.94
N GLN C 60 -22.29 23.92 9.17
CA GLN C 60 -22.82 25.16 8.58
C GLN C 60 -23.23 26.14 9.67
N LEU C 61 -23.94 25.66 10.69
CA LEU C 61 -24.37 26.57 11.75
C LEU C 61 -23.19 27.21 12.46
N LEU C 62 -22.14 26.44 12.71
CA LEU C 62 -20.98 26.94 13.45
C LEU C 62 -20.06 27.81 12.62
N ALA C 63 -20.07 27.70 11.30
CA ALA C 63 -19.13 28.44 10.48
C ALA C 63 -19.30 29.95 10.60
N GLU C 64 -20.25 30.40 11.40
CA GLU C 64 -20.47 31.81 11.66
C GLU C 64 -20.39 32.11 13.15
N ALA C 65 -19.40 31.52 13.81
CA ALA C 65 -19.12 31.80 15.21
C ALA C 65 -17.74 32.43 15.33
N ARG C 66 -17.65 33.53 16.08
CA ARG C 66 -16.41 34.27 16.20
C ARG C 66 -15.71 34.06 17.53
N SER C 67 -16.43 33.67 18.57
CA SER C 67 -15.84 33.39 19.87
C SER C 67 -16.23 31.98 20.29
N LEU C 68 -15.45 31.41 21.20
CA LEU C 68 -15.82 30.09 21.71
C LEU C 68 -17.13 30.15 22.47
N ASN C 69 -17.41 31.26 23.15
CA ASN C 69 -18.68 31.39 23.84
C ASN C 69 -19.84 31.46 22.86
N GLN C 70 -19.68 32.17 21.75
CA GLN C 70 -20.75 32.21 20.77
C GLN C 70 -20.94 30.86 20.10
N ALA C 71 -19.85 30.15 19.85
CA ALA C 71 -19.99 28.81 19.26
C ALA C 71 -20.70 27.88 20.23
N ASN C 72 -20.42 28.00 21.52
CA ASN C 72 -21.10 27.16 22.50
C ASN C 72 -22.54 27.57 22.74
N ASP C 73 -22.89 28.83 22.48
CA ASP C 73 -24.29 29.21 22.56
C ASP C 73 -25.06 28.82 21.32
N ILE C 74 -24.39 28.72 20.17
CA ILE C 74 -25.02 28.11 19.00
C ILE C 74 -25.28 26.64 19.26
N ALA C 75 -24.25 25.92 19.71
CA ALA C 75 -24.33 24.49 19.91
C ALA C 75 -24.94 24.11 21.25
N ALA C 76 -25.67 25.00 21.91
CA ALA C 76 -26.30 24.63 23.16
C ALA C 76 -27.52 23.75 22.96
N ASP C 77 -27.91 23.51 21.71
CA ASP C 77 -29.10 22.71 21.44
C ASP C 77 -28.88 21.66 20.35
N PHE C 78 -27.63 21.38 19.97
CA PHE C 78 -27.41 20.36 18.96
C PHE C 78 -27.85 18.98 19.41
N GLY C 79 -28.06 18.77 20.70
CA GLY C 79 -28.60 17.50 21.15
C GLY C 79 -27.76 16.84 22.22
N SER C 80 -27.60 15.53 22.11
CA SER C 80 -26.75 14.76 23.02
C SER C 80 -25.65 14.01 22.32
N LYS C 81 -25.92 13.41 21.17
CA LYS C 81 -24.94 12.64 20.43
C LYS C 81 -24.15 13.51 19.44
N SER C 82 -24.26 14.82 19.55
CA SER C 82 -23.63 15.70 18.58
C SER C 82 -22.12 15.59 18.69
N LEU C 83 -21.47 15.15 17.62
CA LEU C 83 -20.01 15.13 17.62
C LEU C 83 -19.46 16.53 17.79
N SER C 84 -20.12 17.52 17.19
CA SER C 84 -19.68 18.90 17.36
C SER C 84 -19.83 19.35 18.80
N LEU C 85 -20.89 18.93 19.47
CA LEU C 85 -21.02 19.33 20.87
C LEU C 85 -20.01 18.61 21.74
N HIS C 86 -19.63 17.39 21.37
CA HIS C 86 -18.56 16.73 22.10
C HIS C 86 -17.25 17.47 21.96
N LEU C 87 -16.93 17.93 20.75
CA LEU C 87 -15.67 18.64 20.56
C LEU C 87 -15.68 19.98 21.31
N LEU C 88 -16.77 20.74 21.23
CA LEU C 88 -16.81 21.99 21.97
C LEU C 88 -16.74 21.73 23.47
N ASN C 89 -17.33 20.65 23.94
CA ASN C 89 -17.25 20.35 25.37
C ASN C 89 -15.84 19.97 25.78
N GLU C 90 -15.09 19.29 24.92
CA GLU C 90 -13.70 18.98 25.27
C GLU C 90 -12.84 20.22 25.31
N ALA C 91 -13.04 21.15 24.37
CA ALA C 91 -12.32 22.42 24.43
C ALA C 91 -12.63 23.16 25.73
N GLN C 92 -13.92 23.32 26.05
CA GLN C 92 -14.29 23.99 27.28
C GLN C 92 -13.83 23.23 28.52
N ASN C 93 -13.74 21.90 28.43
CA ASN C 93 -13.34 21.12 29.58
C ASN C 93 -11.88 21.32 29.91
N GLU C 94 -11.00 21.26 28.91
CA GLU C 94 -9.60 21.56 29.18
C GLU C 94 -9.44 22.99 29.67
N LEU C 95 -10.20 23.92 29.09
CA LEU C 95 -10.03 25.31 29.49
C LEU C 95 -10.53 25.58 30.89
N GLU C 96 -11.45 24.78 31.41
CA GLU C 96 -11.91 24.98 32.80
C GLU C 96 -11.23 24.04 33.79
N LEU C 97 -10.56 23.00 33.31
CA LEU C 97 -9.73 22.17 34.18
C LEU C 97 -8.38 22.82 34.45
N SER C 98 -7.84 23.57 33.49
CA SER C 98 -6.61 24.29 33.70
C SER C 98 -6.81 25.65 34.33
N GLU C 99 -7.94 25.88 35.01
CA GLU C 99 -8.20 27.19 35.59
C GLU C 99 -7.23 27.46 36.72
N GLY C 100 -6.49 28.56 36.61
CA GLY C 100 -5.39 28.86 37.50
C GLY C 100 -4.06 28.88 36.81
N SER C 101 -3.97 28.35 35.60
CA SER C 101 -2.74 28.36 34.84
C SER C 101 -2.45 29.75 34.30
N ASP C 102 -1.29 29.88 33.66
CA ASP C 102 -0.99 31.07 32.88
C ASP C 102 -0.27 30.71 31.59
N ASP C 103 -0.20 29.43 31.26
CA ASP C 103 0.47 28.95 30.07
C ASP C 103 -0.61 28.72 29.02
N ASN C 104 -0.98 29.79 28.32
CA ASN C 104 -1.92 29.66 27.23
C ASN C 104 -1.42 28.67 26.20
N GLU C 105 -0.11 28.61 25.98
CA GLU C 105 0.42 27.60 25.06
C GLU C 105 0.19 26.20 25.59
N GLY C 106 0.29 26.03 26.91
CA GLY C 106 -0.05 24.74 27.50
C GLY C 106 -1.51 24.38 27.28
N ILE C 107 -2.40 25.34 27.50
CA ILE C 107 -3.82 25.07 27.30
C ILE C 107 -4.09 24.66 25.86
N LYS C 108 -3.51 25.37 24.91
CA LYS C 108 -3.75 25.06 23.51
C LYS C 108 -3.16 23.71 23.13
N GLU C 109 -2.01 23.35 23.70
CA GLU C 109 -1.41 22.05 23.39
C GLU C 109 -2.27 20.91 23.92
N ARG C 110 -2.74 21.03 25.16
CA ARG C 110 -3.61 19.99 25.69
C ARG C 110 -4.91 19.90 24.90
N THR C 111 -5.50 21.05 24.55
CA THR C 111 -6.75 21.02 23.80
C THR C 111 -6.58 20.35 22.45
N SER C 112 -5.52 20.71 21.71
CA SER C 112 -5.30 20.11 20.41
C SER C 112 -5.07 18.61 20.52
N PHE C 113 -4.25 18.20 21.48
CA PHE C 113 -4.03 16.78 21.71
C PHE C 113 -5.34 16.04 21.94
N ARG C 114 -6.16 16.57 22.84
CA ARG C 114 -7.40 15.90 23.21
C ARG C 114 -8.38 15.84 22.05
N LEU C 115 -8.48 16.92 21.27
CA LEU C 115 -9.42 16.93 20.14
C LEU C 115 -8.98 15.98 19.05
N GLU C 116 -7.68 15.86 18.79
CA GLU C 116 -7.28 14.90 17.76
C GLU C 116 -7.46 13.46 18.24
N ARG C 117 -7.23 13.17 19.53
CA ARG C 117 -7.58 11.85 20.03
C ARG C 117 -9.06 11.56 19.84
N ARG C 118 -9.92 12.54 20.12
CA ARG C 118 -11.36 12.33 20.03
C ARG C 118 -11.81 12.12 18.58
N VAL C 119 -11.27 12.90 17.66
CA VAL C 119 -11.59 12.71 16.24
C VAL C 119 -11.21 11.32 15.77
N ALA C 120 -9.99 10.88 16.09
CA ALA C 120 -9.58 9.56 15.65
C ALA C 120 -10.44 8.46 16.27
N ALA C 121 -10.83 8.63 17.53
CA ALA C 121 -11.68 7.64 18.17
C ALA C 121 -13.04 7.53 17.48
N VAL C 122 -13.60 8.66 17.04
CA VAL C 122 -14.85 8.60 16.30
C VAL C 122 -14.65 7.87 14.97
N GLY C 123 -13.55 8.14 14.28
CA GLY C 123 -13.29 7.42 13.05
C GLY C 123 -13.27 5.91 13.24
N ARG C 124 -12.59 5.45 14.28
CA ARG C 124 -12.52 4.01 14.52
C ARG C 124 -13.85 3.44 15.00
N GLN C 125 -14.65 4.23 15.72
CA GLN C 125 -15.97 3.76 16.12
C GLN C 125 -16.94 3.71 14.95
N MET C 126 -16.64 4.42 13.86
CA MET C 126 -17.44 4.28 12.66
C MET C 126 -17.02 3.07 11.83
N GLY C 127 -15.73 2.79 11.75
CA GLY C 127 -15.34 1.62 10.99
C GLY C 127 -15.48 0.32 11.75
N ARG C 128 -16.70 -0.20 11.90
CA ARG C 128 -16.95 -1.32 12.80
C ARG C 128 -17.05 -2.67 12.07
N GLY C 129 -17.98 -2.82 11.13
CA GLY C 129 -18.13 -4.09 10.47
C GLY C 129 -17.16 -4.34 9.34
N ASN C 130 -16.34 -3.36 9.01
CA ASN C 130 -15.45 -3.50 7.86
C ASN C 130 -14.50 -4.68 8.00
N GLY C 131 -14.22 -5.13 9.22
CA GLY C 131 -13.48 -6.36 9.35
C GLY C 131 -14.21 -7.53 8.73
N TYR C 132 -15.51 -7.66 9.04
CA TYR C 132 -16.34 -8.68 8.41
C TYR C 132 -16.28 -8.55 6.91
N LEU C 133 -16.43 -7.33 6.40
CA LEU C 133 -16.49 -7.16 4.95
C LEU C 133 -15.18 -7.56 4.28
N ALA C 134 -14.04 -7.20 4.86
CA ALA C 134 -12.76 -7.56 4.26
C ALA C 134 -12.50 -9.06 4.34
N THR C 135 -12.73 -9.65 5.50
CA THR C 135 -12.52 -11.09 5.62
C THR C 135 -13.38 -11.86 4.62
N ILE C 136 -14.65 -11.49 4.48
CA ILE C 136 -15.53 -12.18 3.55
C ILE C 136 -15.05 -11.99 2.11
N GLY C 137 -14.76 -10.76 1.74
CA GLY C 137 -14.29 -10.50 0.39
C GLY C 137 -12.90 -11.00 0.09
N ALA C 138 -12.17 -11.49 1.08
CA ALA C 138 -10.86 -12.09 0.82
C ALA C 138 -10.87 -13.61 0.85
N ILE C 139 -11.71 -14.24 1.66
CA ILE C 139 -11.74 -15.69 1.75
C ILE C 139 -12.89 -16.30 0.98
N SER C 140 -13.79 -15.52 0.39
CA SER C 140 -14.89 -16.25 -0.23
C SER C 140 -14.52 -16.92 -1.54
N PRO C 141 -13.73 -16.31 -2.43
CA PRO C 141 -13.30 -17.07 -3.61
C PRO C 141 -12.55 -18.33 -3.25
N PHE C 142 -11.82 -18.34 -2.15
CA PHE C 142 -11.13 -19.55 -1.73
C PHE C 142 -12.10 -20.62 -1.27
N VAL C 143 -13.19 -20.23 -0.60
CA VAL C 143 -14.15 -21.24 -0.21
C VAL C 143 -14.86 -21.78 -1.45
N GLY C 144 -15.13 -20.92 -2.42
CA GLY C 144 -15.66 -21.41 -3.67
C GLY C 144 -14.72 -22.39 -4.36
N LEU C 145 -13.43 -22.09 -4.37
CA LEU C 145 -12.49 -22.98 -5.05
C LEU C 145 -12.23 -24.25 -4.28
N PHE C 146 -12.26 -24.22 -2.96
CA PHE C 146 -12.23 -25.46 -2.22
C PHE C 146 -13.45 -26.31 -2.56
N GLY C 147 -14.60 -25.68 -2.72
CA GLY C 147 -15.78 -26.42 -3.14
C GLY C 147 -15.62 -27.04 -4.50
N THR C 148 -15.15 -26.27 -5.47
CA THR C 148 -15.07 -26.81 -6.83
C THR C 148 -14.00 -27.88 -6.95
N VAL C 149 -12.88 -27.71 -6.25
CA VAL C 149 -11.82 -28.71 -6.33
C VAL C 149 -12.23 -29.97 -5.63
N TRP C 150 -12.88 -29.87 -4.47
CA TRP C 150 -13.41 -31.08 -3.85
C TRP C 150 -14.44 -31.76 -4.73
N GLY C 151 -15.27 -30.99 -5.44
CA GLY C 151 -16.25 -31.60 -6.32
C GLY C 151 -15.63 -32.34 -7.48
N ILE C 152 -14.67 -31.71 -8.15
CA ILE C 152 -14.01 -32.36 -9.28
C ILE C 152 -13.21 -33.56 -8.82
N MET C 153 -12.56 -33.45 -7.66
CA MET C 153 -11.76 -34.55 -7.15
C MET C 153 -12.64 -35.74 -6.81
N ASN C 154 -13.77 -35.50 -6.15
CA ASN C 154 -14.70 -36.58 -5.90
C ASN C 154 -15.19 -37.20 -7.20
N SER C 155 -15.42 -36.36 -8.22
CA SER C 155 -15.93 -36.87 -9.48
C SER C 155 -14.93 -37.83 -10.12
N PHE C 156 -13.65 -37.48 -10.11
CA PHE C 156 -12.65 -38.37 -10.71
C PHE C 156 -12.40 -39.60 -9.87
N ILE C 157 -12.44 -39.46 -8.54
CA ILE C 157 -12.33 -40.65 -7.71
C ILE C 157 -13.44 -41.63 -8.06
N GLY C 158 -14.66 -41.11 -8.26
CA GLY C 158 -15.75 -41.96 -8.68
C GLY C 158 -15.54 -42.55 -10.07
N ILE C 159 -15.00 -41.76 -10.99
CA ILE C 159 -14.83 -42.27 -12.36
C ILE C 159 -13.78 -43.36 -12.40
N ALA C 160 -12.75 -43.28 -11.56
CA ALA C 160 -11.74 -44.33 -11.51
C ALA C 160 -12.24 -45.55 -10.76
N GLN C 161 -13.05 -45.36 -9.72
CA GLN C 161 -13.59 -46.51 -9.01
C GLN C 161 -14.69 -47.22 -9.79
N THR C 162 -15.36 -46.53 -10.70
CA THR C 162 -16.40 -47.14 -11.51
C THR C 162 -15.87 -47.66 -12.84
N GLN C 163 -14.74 -47.12 -13.32
CA GLN C 163 -14.15 -47.52 -14.59
C GLN C 163 -15.14 -47.28 -15.73
N THR C 164 -15.43 -46.00 -15.95
CA THR C 164 -16.33 -45.56 -17.01
C THR C 164 -15.64 -44.45 -17.79
N THR C 165 -15.18 -44.77 -19.00
CA THR C 165 -14.39 -43.85 -19.80
C THR C 165 -15.22 -42.80 -20.53
N ASN C 166 -16.52 -42.71 -20.27
CA ASN C 166 -17.36 -41.74 -20.94
C ASN C 166 -17.10 -40.35 -20.37
N LEU C 167 -17.90 -39.37 -20.81
CA LEU C 167 -17.89 -38.04 -20.23
C LEU C 167 -19.26 -37.57 -19.79
N ALA C 168 -20.33 -38.19 -20.28
CA ALA C 168 -21.67 -37.85 -19.82
C ALA C 168 -21.94 -38.36 -18.41
N VAL C 169 -21.17 -39.34 -17.94
CA VAL C 169 -21.30 -39.80 -16.56
C VAL C 169 -20.46 -38.97 -15.60
N VAL C 170 -19.70 -38.00 -16.11
CA VAL C 170 -18.86 -37.16 -15.26
C VAL C 170 -19.18 -35.69 -15.40
N ALA C 171 -19.89 -35.27 -16.45
CA ALA C 171 -20.17 -33.84 -16.63
C ALA C 171 -20.97 -33.20 -15.49
N PRO C 172 -21.99 -33.83 -14.90
CA PRO C 172 -22.74 -33.14 -13.83
C PRO C 172 -21.90 -32.78 -12.62
N GLY C 173 -20.94 -33.63 -12.24
CA GLY C 173 -20.06 -33.28 -11.14
C GLY C 173 -19.29 -32.01 -11.41
N ILE C 174 -18.75 -31.88 -12.63
CA ILE C 174 -18.03 -30.67 -12.99
C ILE C 174 -18.97 -29.48 -13.07
N ALA C 175 -20.21 -29.70 -13.47
CA ALA C 175 -21.19 -28.63 -13.46
C ALA C 175 -21.37 -28.07 -12.06
N GLU C 176 -21.64 -28.94 -11.08
CA GLU C 176 -21.85 -28.46 -9.73
C GLU C 176 -20.60 -27.81 -9.15
N ALA C 177 -19.43 -28.36 -9.48
CA ALA C 177 -18.18 -27.74 -9.04
C ALA C 177 -18.08 -26.30 -9.52
N LEU C 178 -18.16 -26.10 -10.83
CA LEU C 178 -18.02 -24.74 -11.34
C LEU C 178 -19.14 -23.84 -10.82
N LEU C 179 -20.28 -24.42 -10.47
CA LEU C 179 -21.33 -23.61 -9.84
C LEU C 179 -20.87 -23.08 -8.51
N ALA C 180 -20.23 -23.93 -7.70
CA ALA C 180 -19.72 -23.45 -6.42
C ALA C 180 -18.69 -22.34 -6.62
N THR C 181 -17.90 -22.43 -7.68
CA THR C 181 -16.95 -21.34 -7.95
C THR C 181 -17.66 -20.04 -8.28
N ALA C 182 -18.66 -20.08 -9.16
CA ALA C 182 -19.36 -18.86 -9.52
C ALA C 182 -20.03 -18.23 -8.31
N ILE C 183 -20.57 -19.05 -7.42
CA ILE C 183 -21.16 -18.48 -6.21
C ILE C 183 -20.09 -17.91 -5.30
N GLY C 184 -18.90 -18.49 -5.29
CA GLY C 184 -17.80 -17.88 -4.56
C GLY C 184 -17.53 -16.46 -5.03
N LEU C 185 -17.48 -16.28 -6.34
CA LEU C 185 -17.22 -14.93 -6.85
C LEU C 185 -18.40 -13.99 -6.63
N VAL C 186 -19.63 -14.51 -6.65
CA VAL C 186 -20.79 -13.68 -6.34
C VAL C 186 -20.73 -13.19 -4.90
N ALA C 187 -20.29 -14.05 -3.98
CA ALA C 187 -20.18 -13.59 -2.60
C ALA C 187 -18.96 -12.74 -2.35
N ALA C 188 -17.95 -12.80 -3.22
CA ALA C 188 -16.75 -12.01 -3.02
C ALA C 188 -16.85 -10.60 -3.56
N ILE C 189 -17.30 -10.42 -4.80
CA ILE C 189 -17.16 -9.12 -5.45
C ILE C 189 -17.93 -7.99 -4.74
N PRO C 190 -19.21 -8.17 -4.39
CA PRO C 190 -19.90 -7.09 -3.68
C PRO C 190 -19.26 -6.72 -2.35
N ALA C 191 -18.76 -7.69 -1.60
CA ALA C 191 -18.09 -7.38 -0.34
C ALA C 191 -16.89 -6.48 -0.57
N VAL C 192 -16.14 -6.72 -1.64
CA VAL C 192 -14.95 -5.90 -1.88
C VAL C 192 -15.34 -4.50 -2.35
N VAL C 193 -16.31 -4.38 -3.25
CA VAL C 193 -16.65 -3.02 -3.64
C VAL C 193 -17.23 -2.25 -2.46
N ILE C 194 -17.99 -2.91 -1.58
CA ILE C 194 -18.57 -2.18 -0.46
C ILE C 194 -17.51 -1.86 0.57
N TYR C 195 -16.50 -2.70 0.75
CA TYR C 195 -15.42 -2.33 1.65
C TYR C 195 -14.69 -1.10 1.13
N ASN C 196 -14.44 -1.03 -0.17
CA ASN C 196 -13.79 0.16 -0.69
C ASN C 196 -14.68 1.39 -0.53
N VAL C 197 -15.98 1.25 -0.80
CA VAL C 197 -16.89 2.37 -0.65
C VAL C 197 -16.88 2.88 0.77
N PHE C 198 -16.90 1.98 1.75
CA PHE C 198 -16.94 2.43 3.13
C PHE C 198 -15.61 3.01 3.58
N ALA C 199 -14.49 2.52 3.07
CA ALA C 199 -13.23 3.16 3.40
C ALA C 199 -13.20 4.59 2.85
N ARG C 200 -13.68 4.81 1.64
CA ARG C 200 -13.71 6.17 1.10
C ARG C 200 -14.65 7.07 1.89
N GLN C 201 -15.86 6.59 2.19
CA GLN C 201 -16.80 7.43 2.92
C GLN C 201 -16.29 7.76 4.31
N ILE C 202 -15.62 6.81 4.96
CA ILE C 202 -15.07 7.07 6.28
C ILE C 202 -13.94 8.08 6.21
N GLY C 203 -13.08 7.99 5.19
CA GLY C 203 -12.08 9.03 5.01
C GLY C 203 -12.67 10.41 4.84
N GLY C 204 -13.73 10.51 4.03
CA GLY C 204 -14.37 11.81 3.83
C GLY C 204 -14.98 12.37 5.10
N PHE C 205 -15.73 11.53 5.82
CA PHE C 205 -16.33 12.01 7.05
C PHE C 205 -15.28 12.35 8.11
N LYS C 206 -14.17 11.63 8.15
CA LYS C 206 -13.12 12.01 9.09
C LYS C 206 -12.48 13.33 8.71
N ALA C 207 -12.39 13.65 7.42
CA ALA C 207 -11.92 14.98 7.05
C ALA C 207 -12.92 16.06 7.46
N MET C 208 -14.22 15.77 7.35
CA MET C 208 -15.20 16.75 7.80
C MET C 208 -15.12 16.99 9.31
N LEU C 209 -14.99 15.92 10.09
CA LEU C 209 -14.77 16.11 11.52
C LEU C 209 -13.48 16.85 11.81
N GLY C 210 -12.42 16.54 11.08
CA GLY C 210 -11.19 17.28 11.26
C GLY C 210 -11.38 18.76 11.04
N ASP C 211 -12.23 19.12 10.07
CA ASP C 211 -12.48 20.54 9.81
C ASP C 211 -13.26 21.20 10.95
N VAL C 212 -14.23 20.50 11.54
CA VAL C 212 -14.93 21.09 12.68
C VAL C 212 -14.01 21.23 13.89
N ALA C 213 -13.18 20.23 14.14
CA ALA C 213 -12.21 20.34 15.23
C ALA C 213 -11.22 21.47 14.98
N ALA C 214 -10.82 21.68 13.74
CA ALA C 214 -9.95 22.81 13.42
C ALA C 214 -10.65 24.13 13.70
N GLN C 215 -11.94 24.22 13.38
CA GLN C 215 -12.70 25.41 13.74
C GLN C 215 -12.65 25.68 15.23
N VAL C 216 -12.83 24.63 16.03
CA VAL C 216 -12.80 24.82 17.49
C VAL C 216 -11.42 25.28 17.94
N LEU C 217 -10.36 24.70 17.37
CA LEU C 217 -9.02 25.08 17.76
C LEU C 217 -8.75 26.55 17.43
N LEU C 218 -9.20 27.01 16.27
CA LEU C 218 -8.97 28.40 15.93
C LEU C 218 -9.76 29.34 16.82
N LEU C 219 -11.00 28.99 17.14
CA LEU C 219 -11.78 29.87 18.01
C LEU C 219 -11.11 29.98 19.37
N GLN C 220 -10.62 28.87 19.90
CA GLN C 220 -9.96 28.91 21.20
C GLN C 220 -8.67 29.72 21.17
N SER C 221 -7.86 29.54 20.13
CA SER C 221 -6.61 30.29 20.03
C SER C 221 -6.87 31.79 19.96
N ARG C 222 -7.80 32.21 19.09
CA ARG C 222 -8.10 33.63 19.01
C ARG C 222 -8.58 34.17 20.34
N ASP C 223 -9.49 33.43 21.00
CA ASP C 223 -10.00 33.89 22.29
C ASP C 223 -8.87 34.10 23.28
N LEU C 224 -8.00 33.10 23.43
CA LEU C 224 -6.93 33.20 24.41
C LEU C 224 -6.00 34.36 24.10
N ASP C 225 -5.58 34.46 22.84
CA ASP C 225 -4.58 35.47 22.50
C ASP C 225 -5.15 36.88 22.60
N LEU C 226 -6.43 37.07 22.23
CA LEU C 226 -7.04 38.39 22.37
C LEU C 226 -7.25 38.75 23.83
N GLU C 227 -7.64 37.78 24.67
CA GLU C 227 -7.75 38.06 26.09
C GLU C 227 -6.41 38.48 26.68
N ALA C 228 -5.33 37.79 26.30
CA ALA C 228 -4.01 38.13 26.81
C ALA C 228 -3.58 39.51 26.32
N SER C 229 -3.70 39.76 25.02
CA SER C 229 -3.27 41.03 24.45
C SER C 229 -4.15 42.19 24.87
N ALA C 230 -5.33 41.93 25.43
CA ALA C 230 -6.12 43.02 25.99
C ALA C 230 -5.83 43.25 27.46
N ALA C 231 -5.63 42.17 28.23
CA ALA C 231 -5.46 42.31 29.67
C ALA C 231 -4.04 42.68 30.05
N ALA C 232 -3.04 42.31 29.23
CA ALA C 232 -1.66 42.61 29.57
C ALA C 232 -1.15 43.90 28.94
N HIS C 233 -1.72 44.30 27.80
CA HIS C 233 -1.34 45.52 27.10
C HIS C 233 -2.58 46.38 26.90
N PRO C 234 -2.96 47.17 27.91
CA PRO C 234 -4.16 48.01 27.84
C PRO C 234 -4.02 49.15 26.85
N ASP D 9 -8.87 -44.85 -6.34
CA ASP D 9 -8.43 -44.52 -5.00
C ASP D 9 -9.61 -44.42 -4.04
N LEU D 10 -9.34 -44.05 -2.78
CA LEU D 10 -10.39 -43.97 -1.78
C LEU D 10 -10.59 -42.56 -1.22
N SER D 11 -9.54 -41.92 -0.72
CA SER D 11 -9.68 -40.62 -0.06
C SER D 11 -8.29 -40.06 0.19
N VAL D 12 -8.25 -38.89 0.84
CA VAL D 12 -6.98 -38.23 1.12
C VAL D 12 -6.12 -39.08 2.06
N TRP D 13 -6.76 -39.78 2.99
CA TRP D 13 -6.02 -40.63 3.91
C TRP D 13 -5.37 -41.80 3.20
N GLY D 14 -5.74 -42.06 1.95
CA GLY D 14 -5.10 -43.10 1.17
C GLY D 14 -4.37 -42.54 -0.03
N MET D 15 -4.82 -41.38 -0.51
CA MET D 15 -4.20 -40.78 -1.69
C MET D 15 -2.82 -40.20 -1.38
N TYR D 16 -2.65 -39.61 -0.20
CA TYR D 16 -1.36 -39.09 0.20
C TYR D 16 -0.28 -40.17 0.24
N GLN D 17 -0.67 -41.44 0.37
CA GLN D 17 0.31 -42.51 0.55
C GLN D 17 1.17 -42.69 -0.71
N HIS D 18 0.54 -43.02 -1.84
CA HIS D 18 1.26 -43.39 -3.05
C HIS D 18 1.31 -42.25 -4.06
N ALA D 19 1.18 -41.00 -3.60
CA ALA D 19 1.04 -39.88 -4.52
C ALA D 19 2.24 -39.68 -5.43
N ASP D 20 3.37 -39.29 -4.85
CA ASP D 20 4.57 -38.93 -5.59
C ASP D 20 5.67 -38.66 -4.59
N ILE D 21 6.82 -38.16 -5.06
CA ILE D 21 7.85 -37.70 -4.15
C ILE D 21 7.70 -36.21 -3.89
N VAL D 22 7.77 -35.40 -4.95
CA VAL D 22 7.72 -33.96 -4.75
C VAL D 22 6.32 -33.51 -4.40
N VAL D 23 5.29 -34.18 -4.92
CA VAL D 23 3.93 -33.83 -4.50
C VAL D 23 3.72 -34.19 -3.04
N LYS D 24 4.33 -35.29 -2.58
CA LYS D 24 4.19 -35.63 -1.17
C LYS D 24 4.91 -34.63 -0.28
N CYS D 25 6.08 -34.14 -0.73
CA CYS D 25 6.74 -33.11 0.05
C CYS D 25 5.96 -31.80 0.06
N VAL D 26 5.30 -31.46 -1.04
CA VAL D 26 4.45 -30.27 -1.04
C VAL D 26 3.31 -30.44 -0.04
N MET D 27 2.70 -31.62 -0.02
CA MET D 27 1.60 -31.85 0.93
C MET D 27 2.09 -31.78 2.37
N ILE D 28 3.26 -32.31 2.66
CA ILE D 28 3.77 -32.27 4.03
C ILE D 28 4.12 -30.85 4.44
N GLY D 29 4.72 -30.08 3.52
CA GLY D 29 5.02 -28.69 3.83
C GLY D 29 3.77 -27.88 4.11
N LEU D 30 2.69 -28.16 3.38
CA LEU D 30 1.46 -27.41 3.65
C LEU D 30 0.80 -27.84 4.94
N ILE D 31 0.88 -29.12 5.31
CA ILE D 31 0.35 -29.53 6.60
C ILE D 31 1.12 -28.86 7.74
N LEU D 32 2.44 -28.80 7.63
CA LEU D 32 3.21 -28.09 8.66
C LEU D 32 2.80 -26.63 8.72
N ALA D 33 2.56 -26.00 7.58
CA ALA D 33 2.08 -24.62 7.62
C ALA D 33 0.79 -24.50 8.41
N SER D 34 -0.15 -25.41 8.19
CA SER D 34 -1.43 -25.29 8.88
C SER D 34 -1.30 -25.51 10.38
N VAL D 35 -0.45 -26.45 10.78
CA VAL D 35 -0.25 -26.68 12.21
C VAL D 35 0.37 -25.47 12.89
N VAL D 36 1.38 -24.86 12.27
CA VAL D 36 1.93 -23.69 12.95
C VAL D 36 0.91 -22.56 12.97
N THR D 37 0.02 -22.48 11.97
CA THR D 37 -1.03 -21.45 12.04
C THR D 37 -1.92 -21.65 13.25
N TRP D 38 -2.37 -22.87 13.50
CA TRP D 38 -3.28 -23.02 14.62
C TRP D 38 -2.58 -22.85 15.96
N ALA D 39 -1.30 -23.22 16.04
CA ALA D 39 -0.57 -22.97 17.28
C ALA D 39 -0.45 -21.47 17.56
N ILE D 40 -0.06 -20.71 16.53
CA ILE D 40 0.00 -19.25 16.67
C ILE D 40 -1.35 -18.71 17.14
N PHE D 41 -2.43 -19.18 16.53
CA PHE D 41 -3.75 -18.67 16.89
C PHE D 41 -4.05 -18.92 18.36
N PHE D 42 -3.90 -20.16 18.82
CA PHE D 42 -4.26 -20.45 20.21
C PHE D 42 -3.47 -19.57 21.18
N SER D 43 -2.15 -19.55 21.01
CA SER D 43 -1.32 -18.78 21.94
C SER D 43 -1.71 -17.30 21.94
N LYS D 44 -1.69 -16.68 20.76
CA LYS D 44 -1.97 -15.25 20.70
C LYS D 44 -3.37 -14.94 21.18
N SER D 45 -4.34 -15.81 20.94
CA SER D 45 -5.69 -15.44 21.35
C SER D 45 -5.83 -15.41 22.86
N VAL D 46 -5.27 -16.40 23.55
CA VAL D 46 -5.39 -16.35 25.01
C VAL D 46 -4.63 -15.15 25.58
N GLU D 47 -3.45 -14.86 25.03
CA GLU D 47 -2.69 -13.73 25.58
C GLU D 47 -3.37 -12.40 25.30
N PHE D 48 -3.93 -12.23 24.11
CA PHE D 48 -4.63 -11.01 23.79
C PHE D 48 -5.82 -10.80 24.71
N PHE D 49 -6.66 -11.83 24.88
CA PHE D 49 -7.82 -11.64 25.73
C PHE D 49 -7.39 -11.24 27.13
N ASN D 50 -6.38 -11.92 27.68
CA ASN D 50 -5.92 -11.55 29.02
C ASN D 50 -5.47 -10.09 29.06
N GLN D 51 -4.57 -9.69 28.15
CA GLN D 51 -4.01 -8.34 28.23
C GLN D 51 -5.06 -7.28 28.03
N LYS D 52 -5.98 -7.49 27.09
CA LYS D 52 -6.96 -6.45 26.81
C LYS D 52 -7.95 -6.31 27.96
N ARG D 53 -8.36 -7.42 28.58
CA ARG D 53 -9.23 -7.29 29.73
C ARG D 53 -8.55 -6.51 30.85
N ARG D 54 -7.28 -6.83 31.11
CA ARG D 54 -6.57 -6.13 32.17
C ARG D 54 -6.49 -4.63 31.89
N LEU D 55 -6.07 -4.28 30.68
CA LEU D 55 -5.88 -2.86 30.37
C LEU D 55 -7.20 -2.11 30.37
N LYS D 56 -8.29 -2.75 29.94
CA LYS D 56 -9.57 -2.06 29.96
C LYS D 56 -10.02 -1.77 31.38
N ARG D 57 -9.83 -2.73 32.29
CA ARG D 57 -10.13 -2.44 33.69
C ARG D 57 -9.26 -1.30 34.22
N GLU D 58 -7.97 -1.30 33.88
CA GLU D 58 -7.09 -0.27 34.42
C GLU D 58 -7.44 1.11 33.88
N GLN D 59 -7.83 1.20 32.61
CA GLN D 59 -8.23 2.49 32.08
C GLN D 59 -9.51 2.97 32.72
N GLN D 60 -10.46 2.06 32.98
CA GLN D 60 -11.69 2.48 33.65
C GLN D 60 -11.43 2.93 35.08
N LEU D 61 -10.38 2.42 35.72
CA LEU D 61 -10.01 2.94 37.04
C LEU D 61 -9.24 4.25 36.98
N LEU D 62 -8.42 4.45 35.94
CA LEU D 62 -7.66 5.69 35.82
C LEU D 62 -8.51 6.86 35.35
N ALA D 63 -9.66 6.60 34.72
CA ALA D 63 -10.45 7.70 34.18
C ALA D 63 -10.87 8.72 35.23
N GLU D 64 -10.81 8.35 36.52
CA GLU D 64 -11.15 9.27 37.61
C GLU D 64 -9.91 9.88 38.24
N ALA D 65 -8.90 10.18 37.45
CA ALA D 65 -7.71 10.84 37.93
C ALA D 65 -7.79 12.33 37.67
N ARG D 66 -7.30 13.12 38.61
CA ARG D 66 -7.22 14.55 38.44
C ARG D 66 -5.80 15.09 38.57
N SER D 67 -4.86 14.28 39.05
CA SER D 67 -3.48 14.67 39.15
C SER D 67 -2.62 13.42 39.10
N LEU D 68 -1.33 13.62 38.82
CA LEU D 68 -0.46 12.47 38.69
C LEU D 68 -0.27 11.76 40.03
N ASN D 69 -0.27 12.50 41.14
CA ASN D 69 -0.16 11.85 42.44
C ASN D 69 -1.37 10.97 42.71
N GLN D 70 -2.56 11.45 42.38
CA GLN D 70 -3.75 10.63 42.54
C GLN D 70 -3.73 9.41 41.63
N ALA D 71 -3.20 9.56 40.41
CA ALA D 71 -3.12 8.41 39.53
C ALA D 71 -2.13 7.37 40.07
N ASN D 72 -1.00 7.80 40.62
CA ASN D 72 -0.11 6.83 41.24
C ASN D 72 -0.75 6.20 42.47
N ASP D 73 -1.54 6.96 43.23
CA ASP D 73 -2.17 6.37 44.39
C ASP D 73 -3.20 5.33 44.01
N ILE D 74 -3.91 5.55 42.90
CA ILE D 74 -4.81 4.51 42.38
C ILE D 74 -4.01 3.30 41.91
N ALA D 75 -3.04 3.53 41.02
CA ALA D 75 -2.33 2.44 40.37
C ALA D 75 -1.15 1.92 41.17
N ALA D 76 -1.10 2.19 42.47
CA ALA D 76 -0.05 1.60 43.30
C ALA D 76 -0.19 0.09 43.36
N ASP D 77 -1.38 -0.45 43.12
CA ASP D 77 -1.65 -1.88 43.18
C ASP D 77 -2.24 -2.32 41.84
N PHE D 78 -1.36 -2.48 40.86
CA PHE D 78 -1.70 -3.02 39.55
C PHE D 78 -0.76 -4.14 39.18
N GLY D 79 -0.32 -4.90 40.17
CA GLY D 79 0.64 -5.94 39.87
C GLY D 79 1.97 -5.34 39.45
N SER D 80 2.64 -6.04 38.54
CA SER D 80 3.96 -5.62 38.09
C SER D 80 4.17 -5.69 36.59
N LYS D 81 3.31 -6.38 35.84
CA LYS D 81 3.39 -6.39 34.38
C LYS D 81 2.20 -5.65 33.80
N SER D 82 1.82 -4.53 34.42
CA SER D 82 0.66 -3.75 33.90
C SER D 82 1.16 -2.56 33.08
N LEU D 83 0.80 -2.51 31.79
CA LEU D 83 1.24 -1.42 30.92
C LEU D 83 0.91 -0.07 31.51
N SER D 84 -0.21 0.03 32.23
CA SER D 84 -0.53 1.30 32.87
C SER D 84 0.48 1.66 33.95
N LEU D 85 0.90 0.68 34.74
CA LEU D 85 1.90 0.98 35.75
C LEU D 85 3.22 1.36 35.10
N HIS D 86 3.57 0.73 33.98
CA HIS D 86 4.81 1.10 33.31
C HIS D 86 4.77 2.53 32.81
N LEU D 87 3.64 2.95 32.26
CA LEU D 87 3.57 4.32 31.75
C LEU D 87 3.60 5.33 32.91
N LEU D 88 2.90 5.07 33.99
CA LEU D 88 2.98 5.99 35.12
C LEU D 88 4.38 6.03 35.69
N ASN D 89 5.12 4.94 35.61
CA ASN D 89 6.50 4.97 36.09
C ASN D 89 7.43 5.70 35.13
N GLU D 90 7.20 5.64 33.83
CA GLU D 90 7.95 6.52 32.93
C GLU D 90 7.76 7.98 33.32
N ALA D 91 6.52 8.40 33.53
CA ALA D 91 6.29 9.79 33.90
C ALA D 91 6.95 10.15 35.21
N GLN D 92 6.78 9.31 36.24
CA GLN D 92 7.36 9.62 37.54
C GLN D 92 8.88 9.61 37.49
N ASN D 93 9.47 8.69 36.73
CA ASN D 93 10.91 8.60 36.66
C ASN D 93 11.51 9.77 35.90
N GLU D 94 10.82 10.26 34.87
CA GLU D 94 11.31 11.46 34.20
C GLU D 94 11.28 12.65 35.15
N LEU D 95 10.20 12.79 35.90
CA LEU D 95 10.16 13.85 36.89
C LEU D 95 11.28 13.70 37.92
N GLU D 96 11.66 12.47 38.24
CA GLU D 96 12.73 12.26 39.22
C GLU D 96 14.09 12.63 38.66
N LEU D 97 14.37 12.22 37.44
CA LEU D 97 15.68 12.49 36.83
C LEU D 97 15.86 13.97 36.55
N SER D 98 14.77 14.66 36.19
CA SER D 98 14.89 16.10 35.87
C SER D 98 14.70 16.97 37.13
N GLU D 99 14.89 16.39 38.33
CA GLU D 99 14.75 17.17 39.55
C GLU D 99 15.98 18.05 39.70
N GLY D 100 15.77 19.36 39.64
CA GLY D 100 16.84 20.33 39.52
C GLY D 100 16.77 21.14 38.26
N SER D 101 15.93 20.75 37.31
CA SER D 101 15.73 21.45 36.06
C SER D 101 14.53 22.38 36.19
N ASP D 102 14.64 23.58 35.64
CA ASP D 102 13.54 24.53 35.63
C ASP D 102 13.06 24.84 34.23
N ASP D 103 12.98 23.81 33.39
CA ASP D 103 12.43 23.94 32.04
C ASP D 103 11.30 22.92 31.91
N ASN D 104 10.12 23.31 32.38
CA ASN D 104 8.98 22.41 32.37
C ASN D 104 8.61 22.02 30.95
N GLU D 105 8.90 22.89 29.98
CA GLU D 105 8.73 22.49 28.59
C GLU D 105 9.68 21.36 28.23
N GLY D 106 10.91 21.40 28.77
CA GLY D 106 11.81 20.30 28.56
C GLY D 106 11.31 19.02 29.17
N ILE D 107 10.78 19.09 30.39
CA ILE D 107 10.28 17.88 31.05
C ILE D 107 9.14 17.28 30.25
N LYS D 108 8.22 18.11 29.78
CA LYS D 108 7.09 17.61 29.00
C LYS D 108 7.56 16.99 27.70
N GLU D 109 8.53 17.61 27.02
CA GLU D 109 9.01 17.04 25.76
C GLU D 109 9.66 15.68 25.99
N ARG D 110 10.52 15.58 27.02
CA ARG D 110 11.17 14.32 27.30
C ARG D 110 10.16 13.23 27.62
N THR D 111 9.18 13.52 28.47
CA THR D 111 8.21 12.49 28.84
C THR D 111 7.36 12.07 27.65
N SER D 112 6.93 13.03 26.84
CA SER D 112 6.20 12.68 25.62
C SER D 112 7.02 11.73 24.77
N PHE D 113 8.32 11.97 24.68
CA PHE D 113 9.17 11.14 23.84
C PHE D 113 9.30 9.73 24.39
N ARG D 114 9.52 9.60 25.70
CA ARG D 114 9.63 8.28 26.29
C ARG D 114 8.35 7.49 26.12
N LEU D 115 7.19 8.11 26.36
CA LEU D 115 5.94 7.38 26.23
C LEU D 115 5.64 7.00 24.79
N GLU D 116 6.04 7.83 23.82
CA GLU D 116 5.92 7.45 22.42
C GLU D 116 6.72 6.19 22.13
N ARG D 117 7.98 6.16 22.56
CA ARG D 117 8.78 4.95 22.34
C ARG D 117 8.16 3.73 23.02
N ARG D 118 7.66 3.91 24.24
CA ARG D 118 7.17 2.77 25.00
C ARG D 118 5.89 2.19 24.40
N VAL D 119 4.98 3.05 23.96
CA VAL D 119 3.76 2.56 23.33
C VAL D 119 4.08 1.86 22.01
N ALA D 120 5.05 2.39 21.26
CA ALA D 120 5.44 1.69 20.03
C ALA D 120 6.03 0.32 20.33
N ALA D 121 6.86 0.22 21.37
CA ALA D 121 7.46 -1.06 21.70
C ALA D 121 6.41 -2.08 22.07
N VAL D 122 5.40 -1.68 22.85
CA VAL D 122 4.35 -2.63 23.20
C VAL D 122 3.56 -3.03 21.97
N GLY D 123 3.34 -2.10 21.03
CA GLY D 123 2.67 -2.48 19.80
C GLY D 123 3.43 -3.54 19.03
N ARG D 124 4.75 -3.37 18.89
CA ARG D 124 5.54 -4.35 18.13
C ARG D 124 5.59 -5.69 18.84
N GLN D 125 5.71 -5.67 20.16
CA GLN D 125 5.74 -6.94 20.89
C GLN D 125 4.41 -7.67 20.79
N MET D 126 3.29 -6.95 20.79
CA MET D 126 2.00 -7.60 20.57
C MET D 126 1.93 -8.20 19.18
N GLY D 127 2.34 -7.43 18.17
CA GLY D 127 2.20 -7.91 16.81
C GLY D 127 3.15 -9.03 16.43
N ARG D 128 4.23 -9.22 17.18
CA ARG D 128 5.20 -10.26 16.87
C ARG D 128 4.54 -11.62 16.72
N GLY D 129 4.59 -12.16 15.51
CA GLY D 129 3.99 -13.44 15.20
C GLY D 129 3.20 -13.44 13.92
N ASN D 130 2.78 -12.26 13.48
CA ASN D 130 1.88 -12.11 12.34
C ASN D 130 2.59 -12.18 11.00
N GLY D 131 3.90 -12.18 10.97
CA GLY D 131 4.57 -12.41 9.71
C GLY D 131 4.30 -13.79 9.15
N TYR D 132 4.35 -14.80 10.01
CA TYR D 132 3.99 -16.15 9.58
C TYR D 132 2.60 -16.16 8.96
N LEU D 133 1.63 -15.60 9.65
CA LEU D 133 0.26 -15.66 9.16
C LEU D 133 0.11 -14.92 7.85
N ALA D 134 0.75 -13.76 7.71
CA ALA D 134 0.66 -13.03 6.47
C ALA D 134 1.26 -13.81 5.30
N THR D 135 2.48 -14.34 5.47
CA THR D 135 3.11 -15.01 4.34
C THR D 135 2.42 -16.33 4.00
N ILE D 136 2.01 -17.11 5.01
CA ILE D 136 1.27 -18.33 4.74
C ILE D 136 -0.02 -18.00 3.99
N GLY D 137 -0.86 -17.16 4.57
CA GLY D 137 -2.10 -16.82 3.89
C GLY D 137 -1.91 -16.17 2.54
N ALA D 138 -0.71 -15.68 2.25
CA ALA D 138 -0.51 -15.05 0.95
C ALA D 138 0.01 -16.02 -0.10
N ILE D 139 0.85 -16.98 0.28
CA ILE D 139 1.53 -17.80 -0.72
C ILE D 139 1.11 -19.27 -0.72
N SER D 140 0.34 -19.75 0.24
CA SER D 140 0.01 -21.17 0.14
C SER D 140 -0.84 -21.55 -1.07
N PRO D 141 -1.70 -20.68 -1.59
CA PRO D 141 -2.31 -20.99 -2.88
C PRO D 141 -1.31 -21.24 -3.99
N PHE D 142 -0.20 -20.51 -4.01
CA PHE D 142 0.80 -20.73 -5.06
C PHE D 142 1.57 -22.02 -4.85
N VAL D 143 1.84 -22.42 -3.62
CA VAL D 143 2.51 -23.69 -3.41
C VAL D 143 1.58 -24.83 -3.79
N GLY D 144 0.30 -24.70 -3.50
CA GLY D 144 -0.64 -25.68 -4.01
C GLY D 144 -0.67 -25.71 -5.52
N LEU D 145 -0.61 -24.54 -6.16
CA LEU D 145 -0.61 -24.48 -7.61
C LEU D 145 0.63 -25.15 -8.18
N PHE D 146 1.77 -25.01 -7.52
CA PHE D 146 2.96 -25.71 -7.98
C PHE D 146 2.82 -27.20 -7.82
N GLY D 147 2.20 -27.65 -6.74
CA GLY D 147 1.96 -29.09 -6.57
C GLY D 147 1.08 -29.66 -7.66
N THR D 148 0.00 -28.95 -8.01
CA THR D 148 -0.87 -29.45 -9.06
C THR D 148 -0.25 -29.31 -10.45
N VAL D 149 0.55 -28.27 -10.70
CA VAL D 149 1.21 -28.16 -11.99
C VAL D 149 2.21 -29.29 -12.16
N TRP D 150 2.90 -29.66 -11.09
CA TRP D 150 3.81 -30.80 -11.20
C TRP D 150 3.05 -32.11 -11.38
N GLY D 151 1.95 -32.29 -10.67
CA GLY D 151 1.16 -33.49 -10.87
C GLY D 151 0.66 -33.62 -12.29
N ILE D 152 0.19 -32.53 -12.88
CA ILE D 152 -0.33 -32.57 -14.25
C ILE D 152 0.80 -32.74 -15.26
N MET D 153 1.96 -32.14 -14.98
CA MET D 153 3.13 -32.38 -15.81
C MET D 153 3.46 -33.88 -15.86
N ASN D 154 3.45 -34.53 -14.71
CA ASN D 154 3.72 -35.97 -14.71
C ASN D 154 2.59 -36.76 -15.33
N SER D 155 1.35 -36.25 -15.28
CA SER D 155 0.26 -36.89 -16.00
C SER D 155 0.49 -36.86 -17.50
N PHE D 156 0.92 -35.71 -18.02
CA PHE D 156 1.22 -35.61 -19.44
C PHE D 156 2.41 -36.48 -19.83
N ILE D 157 3.40 -36.59 -18.94
CA ILE D 157 4.50 -37.52 -19.18
C ILE D 157 3.96 -38.94 -19.34
N GLY D 158 3.08 -39.34 -18.41
CA GLY D 158 2.53 -40.69 -18.47
C GLY D 158 1.65 -40.93 -19.69
N ILE D 159 0.96 -39.90 -20.17
CA ILE D 159 0.17 -40.06 -21.38
C ILE D 159 1.08 -40.19 -22.59
N ALA D 160 2.10 -39.34 -22.69
CA ALA D 160 3.01 -39.40 -23.83
C ALA D 160 3.72 -40.74 -23.88
N GLN D 161 4.52 -41.04 -22.87
CA GLN D 161 5.19 -42.34 -22.81
C GLN D 161 4.16 -43.44 -22.68
N THR D 162 4.48 -44.61 -23.25
CA THR D 162 3.57 -45.75 -23.34
C THR D 162 2.13 -45.30 -23.63
N GLN D 163 1.99 -44.64 -24.79
CA GLN D 163 0.78 -43.93 -25.16
C GLN D 163 -0.48 -44.74 -24.88
N THR D 164 -1.45 -44.10 -24.23
CA THR D 164 -2.72 -44.73 -23.90
C THR D 164 -3.84 -43.72 -24.04
N THR D 165 -5.06 -44.23 -23.87
CA THR D 165 -6.29 -43.47 -24.00
C THR D 165 -7.11 -43.80 -22.75
N ASN D 166 -8.41 -43.51 -22.74
CA ASN D 166 -9.27 -43.99 -21.66
C ASN D 166 -8.88 -43.44 -20.29
N LEU D 167 -9.25 -42.18 -20.02
CA LEU D 167 -8.83 -41.42 -18.85
C LEU D 167 -9.01 -42.18 -17.54
N ALA D 168 -9.62 -43.36 -17.59
CA ALA D 168 -9.67 -44.24 -16.44
C ALA D 168 -8.29 -44.77 -16.04
N VAL D 169 -7.23 -44.35 -16.72
CA VAL D 169 -5.88 -44.73 -16.32
C VAL D 169 -5.19 -43.52 -15.69
N VAL D 170 -5.61 -42.30 -16.10
CA VAL D 170 -5.00 -41.09 -15.58
C VAL D 170 -5.77 -40.50 -14.41
N ALA D 171 -6.99 -40.97 -14.16
CA ALA D 171 -7.80 -40.42 -13.07
C ALA D 171 -7.09 -40.33 -11.73
N PRO D 172 -6.38 -41.35 -11.25
CA PRO D 172 -5.62 -41.18 -10.00
C PRO D 172 -4.55 -40.12 -10.09
N GLY D 173 -3.93 -39.92 -11.26
CA GLY D 173 -2.95 -38.85 -11.38
C GLY D 173 -3.57 -37.49 -11.16
N ILE D 174 -4.72 -37.25 -11.78
CA ILE D 174 -5.41 -35.97 -11.60
C ILE D 174 -5.92 -35.82 -10.18
N ALA D 175 -6.35 -36.91 -9.56
CA ALA D 175 -6.74 -36.85 -8.15
C ALA D 175 -5.57 -36.39 -7.29
N GLU D 176 -4.41 -37.03 -7.46
CA GLU D 176 -3.24 -36.62 -6.71
C GLU D 176 -2.91 -35.17 -6.96
N ALA D 177 -3.06 -34.72 -8.20
CA ALA D 177 -2.68 -33.35 -8.54
C ALA D 177 -3.62 -32.34 -7.90
N LEU D 178 -4.90 -32.65 -7.84
CA LEU D 178 -5.84 -31.71 -7.23
C LEU D 178 -5.72 -31.70 -5.71
N LEU D 179 -5.38 -32.83 -5.11
CA LEU D 179 -5.31 -32.88 -3.66
C LEU D 179 -4.31 -31.88 -3.11
N ALA D 180 -3.24 -31.59 -3.86
CA ALA D 180 -2.25 -30.63 -3.40
C ALA D 180 -2.87 -29.25 -3.23
N THR D 181 -3.62 -28.79 -4.25
CA THR D 181 -4.24 -27.48 -4.11
C THR D 181 -5.42 -27.47 -3.15
N ALA D 182 -6.08 -28.61 -2.93
CA ALA D 182 -7.10 -28.64 -1.89
C ALA D 182 -6.47 -28.43 -0.52
N ILE D 183 -5.35 -29.09 -0.25
CA ILE D 183 -4.67 -28.82 1.02
C ILE D 183 -4.15 -27.39 1.04
N GLY D 184 -3.76 -26.85 -0.10
CA GLY D 184 -3.33 -25.46 -0.14
C GLY D 184 -4.41 -24.50 0.34
N LEU D 185 -5.62 -24.64 -0.21
CA LEU D 185 -6.69 -23.74 0.22
C LEU D 185 -7.09 -24.00 1.67
N VAL D 186 -7.06 -25.27 2.10
CA VAL D 186 -7.37 -25.54 3.50
C VAL D 186 -6.34 -24.89 4.43
N ALA D 187 -5.11 -24.73 3.97
CA ALA D 187 -4.08 -24.12 4.80
C ALA D 187 -3.99 -22.61 4.65
N ALA D 188 -4.60 -22.03 3.62
CA ALA D 188 -4.60 -20.58 3.45
C ALA D 188 -5.93 -19.92 3.77
N ILE D 189 -6.96 -20.67 4.15
CA ILE D 189 -8.19 -20.03 4.64
C ILE D 189 -8.03 -19.57 6.09
N PRO D 190 -7.71 -20.46 7.05
CA PRO D 190 -7.62 -20.00 8.43
C PRO D 190 -6.49 -19.02 8.66
N ALA D 191 -5.45 -19.02 7.84
CA ALA D 191 -4.39 -18.03 8.02
C ALA D 191 -4.92 -16.63 7.77
N VAL D 192 -5.71 -16.43 6.73
CA VAL D 192 -6.24 -15.09 6.47
C VAL D 192 -7.32 -14.71 7.47
N VAL D 193 -8.19 -15.65 7.85
CA VAL D 193 -9.18 -15.29 8.86
C VAL D 193 -8.49 -14.85 10.15
N ILE D 194 -7.51 -15.64 10.63
CA ILE D 194 -6.82 -15.32 11.87
C ILE D 194 -6.01 -14.04 11.73
N TYR D 195 -5.39 -13.82 10.60
CA TYR D 195 -4.63 -12.61 10.42
C TYR D 195 -5.52 -11.38 10.54
N ASN D 196 -6.70 -11.41 9.91
CA ASN D 196 -7.58 -10.24 10.01
C ASN D 196 -8.09 -10.05 11.42
N VAL D 197 -8.48 -11.13 12.10
CA VAL D 197 -8.88 -11.03 13.49
C VAL D 197 -7.81 -10.32 14.30
N PHE D 198 -6.56 -10.76 14.16
CA PHE D 198 -5.51 -10.20 15.02
C PHE D 198 -5.10 -8.80 14.60
N ALA D 199 -5.23 -8.45 13.32
CA ALA D 199 -4.99 -7.07 12.94
C ALA D 199 -6.00 -6.16 13.62
N ARG D 200 -7.27 -6.55 13.63
CA ARG D 200 -8.25 -5.71 14.30
C ARG D 200 -7.99 -5.62 15.80
N GLN D 201 -7.66 -6.75 16.43
CA GLN D 201 -7.40 -6.71 17.87
C GLN D 201 -6.19 -5.85 18.20
N ILE D 202 -5.11 -5.97 17.42
CA ILE D 202 -3.93 -5.17 17.68
C ILE D 202 -4.24 -3.70 17.51
N GLY D 203 -5.03 -3.34 16.50
CA GLY D 203 -5.39 -1.95 16.33
C GLY D 203 -6.16 -1.41 17.52
N GLY D 204 -7.17 -2.15 17.96
CA GLY D 204 -7.93 -1.72 19.12
C GLY D 204 -7.07 -1.59 20.36
N PHE D 205 -6.13 -2.50 20.52
CA PHE D 205 -5.29 -2.49 21.72
C PHE D 205 -4.29 -1.35 21.69
N LYS D 206 -3.68 -1.07 20.53
CA LYS D 206 -2.78 0.07 20.45
C LYS D 206 -3.53 1.37 20.65
N ALA D 207 -4.79 1.44 20.22
CA ALA D 207 -5.56 2.66 20.45
C ALA D 207 -5.89 2.86 21.92
N MET D 208 -6.31 1.78 22.61
CA MET D 208 -6.58 1.91 24.04
C MET D 208 -5.32 2.26 24.81
N LEU D 209 -4.18 1.68 24.42
CA LEU D 209 -2.92 2.01 25.07
C LEU D 209 -2.55 3.46 24.84
N GLY D 210 -2.71 3.95 23.62
CA GLY D 210 -2.47 5.36 23.35
C GLY D 210 -3.37 6.26 24.16
N ASP D 211 -4.60 5.83 24.42
CA ASP D 211 -5.47 6.63 25.27
C ASP D 211 -4.96 6.71 26.70
N VAL D 212 -4.47 5.59 27.24
CA VAL D 212 -3.92 5.63 28.61
C VAL D 212 -2.66 6.50 28.65
N ALA D 213 -1.80 6.37 27.64
CA ALA D 213 -0.60 7.19 27.60
C ALA D 213 -0.92 8.67 27.49
N ALA D 214 -1.89 9.03 26.65
CA ALA D 214 -2.31 10.41 26.56
C ALA D 214 -2.90 10.92 27.86
N GLN D 215 -3.61 10.05 28.59
CA GLN D 215 -4.09 10.43 29.92
C GLN D 215 -2.95 10.78 30.84
N VAL D 216 -1.89 9.96 30.84
CA VAL D 216 -0.72 10.27 31.66
C VAL D 216 -0.12 11.61 31.26
N LEU D 217 -0.01 11.84 29.95
CA LEU D 217 0.62 13.06 29.47
C LEU D 217 -0.18 14.29 29.89
N LEU D 218 -1.49 14.24 29.72
CA LEU D 218 -2.31 15.39 30.12
C LEU D 218 -2.21 15.64 31.61
N LEU D 219 -2.20 14.58 32.41
CA LEU D 219 -2.09 14.77 33.85
C LEU D 219 -0.79 15.47 34.21
N GLN D 220 0.32 15.01 33.63
CA GLN D 220 1.61 15.61 33.95
C GLN D 220 1.69 17.05 33.50
N SER D 221 1.28 17.31 32.26
CA SER D 221 1.35 18.67 31.73
C SER D 221 0.51 19.63 32.55
N ARG D 222 -0.73 19.24 32.85
CA ARG D 222 -1.61 20.10 33.63
C ARG D 222 -1.04 20.36 35.01
N ASP D 223 -0.46 19.33 35.63
CA ASP D 223 0.09 19.51 36.96
C ASP D 223 1.28 20.47 36.94
N LEU D 224 2.16 20.31 35.97
CA LEU D 224 3.33 21.18 35.87
C LEU D 224 2.90 22.63 35.68
N ASP D 225 1.94 22.86 34.78
CA ASP D 225 1.50 24.22 34.54
C ASP D 225 0.91 24.84 35.79
N LEU D 226 0.00 24.11 36.45
CA LEU D 226 -0.64 24.68 37.64
C LEU D 226 0.35 24.93 38.76
N GLU D 227 1.34 24.03 38.91
CA GLU D 227 2.35 24.24 39.93
C GLU D 227 3.19 25.47 39.66
N ALA D 228 3.70 25.60 38.43
CA ALA D 228 4.51 26.76 38.09
C ALA D 228 3.71 28.05 38.29
N SER D 229 2.45 28.07 37.88
CA SER D 229 1.64 29.27 38.04
C SER D 229 1.42 29.61 39.51
N ALA D 230 0.90 28.66 40.28
CA ALA D 230 0.60 28.92 41.68
C ALA D 230 1.85 29.15 42.52
N ALA D 231 3.03 28.82 42.01
CA ALA D 231 4.26 29.11 42.73
C ALA D 231 4.91 30.42 42.32
N ALA D 232 4.72 30.86 41.08
CA ALA D 232 5.36 32.10 40.64
C ALA D 232 4.48 33.32 40.86
N HIS D 233 3.15 33.18 40.66
CA HIS D 233 2.29 34.37 40.69
C HIS D 233 2.14 34.94 42.10
N PRO D 234 1.68 34.18 43.11
CA PRO D 234 1.54 34.86 44.41
C PRO D 234 2.85 34.92 45.18
N SER E 11 11.96 -38.40 -17.15
CA SER E 11 12.82 -37.70 -16.19
C SER E 11 12.69 -36.20 -16.33
N VAL E 12 12.77 -35.49 -15.21
CA VAL E 12 12.65 -34.04 -15.24
C VAL E 12 13.89 -33.43 -15.88
N TRP E 13 15.05 -34.06 -15.71
CA TRP E 13 16.28 -33.56 -16.28
C TRP E 13 16.42 -33.87 -17.76
N GLY E 14 15.71 -34.90 -18.25
CA GLY E 14 15.76 -35.24 -19.65
C GLY E 14 14.91 -34.38 -20.56
N MET E 15 14.04 -33.54 -19.99
CA MET E 15 13.21 -32.65 -20.79
C MET E 15 13.71 -31.21 -20.79
N TYR E 16 14.78 -30.91 -20.05
CA TYR E 16 15.33 -29.57 -20.13
C TYR E 16 15.95 -29.32 -21.49
N GLN E 17 16.60 -30.33 -22.07
CA GLN E 17 17.16 -30.21 -23.42
C GLN E 17 16.11 -30.45 -24.51
N HIS E 18 15.01 -31.13 -24.17
CA HIS E 18 13.97 -31.39 -25.16
C HIS E 18 13.38 -30.10 -25.70
N ALA E 19 13.13 -29.13 -24.81
CA ALA E 19 12.65 -27.82 -25.25
C ALA E 19 13.60 -27.24 -26.28
N ASP E 20 13.05 -26.48 -27.22
CA ASP E 20 13.81 -26.18 -28.42
C ASP E 20 14.81 -25.04 -28.23
N ILE E 21 14.32 -23.80 -28.10
CA ILE E 21 15.23 -22.69 -27.84
C ILE E 21 14.70 -21.78 -26.75
N VAL E 22 13.49 -21.23 -26.96
CA VAL E 22 13.00 -20.14 -26.12
C VAL E 22 12.32 -20.65 -24.86
N VAL E 23 12.29 -21.95 -24.65
CA VAL E 23 11.87 -22.48 -23.35
C VAL E 23 13.13 -22.88 -22.60
N LYS E 24 14.15 -23.33 -23.33
CA LYS E 24 15.41 -23.62 -22.67
C LYS E 24 16.06 -22.35 -22.12
N CYS E 25 16.05 -21.28 -22.91
CA CYS E 25 16.60 -20.00 -22.47
C CYS E 25 15.64 -19.21 -21.60
N VAL E 26 14.55 -19.82 -21.15
CA VAL E 26 13.74 -19.30 -20.06
C VAL E 26 13.98 -20.09 -18.78
N MET E 27 14.14 -21.41 -18.92
CA MET E 27 14.46 -22.21 -17.75
C MET E 27 15.86 -21.92 -17.23
N ILE E 28 16.82 -21.65 -18.12
CA ILE E 28 18.14 -21.23 -17.63
C ILE E 28 18.04 -19.91 -16.89
N GLY E 29 17.33 -18.96 -17.46
CA GLY E 29 17.16 -17.68 -16.79
C GLY E 29 16.55 -17.83 -15.41
N LEU E 30 15.53 -18.67 -15.28
CA LEU E 30 14.88 -18.77 -13.98
C LEU E 30 15.71 -19.56 -12.99
N ILE E 31 16.48 -20.55 -13.43
CA ILE E 31 17.35 -21.22 -12.47
C ILE E 31 18.43 -20.28 -11.97
N LEU E 32 18.96 -19.43 -12.85
CA LEU E 32 19.93 -18.44 -12.38
C LEU E 32 19.30 -17.45 -11.41
N ALA E 33 18.06 -17.03 -11.68
CA ALA E 33 17.39 -16.15 -10.75
C ALA E 33 17.24 -16.81 -9.39
N SER E 34 16.90 -18.09 -9.35
CA SER E 34 16.74 -18.75 -8.06
C SER E 34 18.08 -18.88 -7.32
N VAL E 35 19.15 -19.17 -8.04
CA VAL E 35 20.46 -19.27 -7.40
C VAL E 35 20.88 -17.93 -6.83
N VAL E 36 20.66 -16.84 -7.57
CA VAL E 36 20.98 -15.52 -7.04
C VAL E 36 20.12 -15.19 -5.83
N THR E 37 18.85 -15.57 -5.85
CA THR E 37 17.99 -15.36 -4.68
C THR E 37 18.58 -16.02 -3.45
N TRP E 38 18.99 -17.28 -3.56
CA TRP E 38 19.46 -17.94 -2.35
C TRP E 38 20.84 -17.45 -1.91
N ALA E 39 21.69 -17.01 -2.84
CA ALA E 39 22.94 -16.36 -2.44
C ALA E 39 22.68 -15.09 -1.65
N ILE E 40 21.78 -14.24 -2.16
CA ILE E 40 21.38 -13.03 -1.44
C ILE E 40 20.85 -13.37 -0.07
N PHE E 41 20.00 -14.40 0.03
CA PHE E 41 19.43 -14.74 1.31
C PHE E 41 20.50 -15.10 2.33
N PHE E 42 21.41 -16.00 1.97
CA PHE E 42 22.41 -16.41 2.95
C PHE E 42 23.28 -15.25 3.38
N SER E 43 23.79 -14.47 2.42
CA SER E 43 24.64 -13.34 2.79
C SER E 43 23.91 -12.36 3.71
N LYS E 44 22.80 -11.83 3.25
CA LYS E 44 22.11 -10.81 4.03
C LYS E 44 21.63 -11.33 5.36
N SER E 45 21.25 -12.60 5.45
CA SER E 45 20.72 -13.07 6.72
C SER E 45 21.83 -13.20 7.75
N VAL E 46 23.00 -13.67 7.36
CA VAL E 46 24.10 -13.71 8.32
C VAL E 46 24.46 -12.30 8.77
N GLU E 47 24.49 -11.35 7.83
CA GLU E 47 24.83 -9.98 8.22
C GLU E 47 23.80 -9.39 9.18
N PHE E 48 22.51 -9.63 8.93
CA PHE E 48 21.48 -9.09 9.82
C PHE E 48 21.61 -9.70 11.20
N PHE E 49 21.79 -11.01 11.29
CA PHE E 49 21.91 -11.60 12.61
C PHE E 49 23.05 -10.99 13.38
N ASN E 50 24.21 -10.83 12.73
CA ASN E 50 25.36 -10.27 13.43
C ASN E 50 25.08 -8.85 13.92
N GLN E 51 24.57 -7.99 13.03
CA GLN E 51 24.35 -6.60 13.41
C GLN E 51 23.32 -6.48 14.51
N LYS E 52 22.23 -7.26 14.44
CA LYS E 52 21.21 -7.16 15.47
C LYS E 52 21.74 -7.64 16.81
N ARG E 53 22.52 -8.72 16.83
CA ARG E 53 23.10 -9.15 18.09
C ARG E 53 23.97 -8.07 18.70
N ARG E 54 24.84 -7.47 17.90
CA ARG E 54 25.74 -6.45 18.43
C ARG E 54 24.95 -5.25 18.95
N LEU E 55 23.97 -4.78 18.18
CA LEU E 55 23.24 -3.60 18.60
C LEU E 55 22.42 -3.88 19.86
N LYS E 56 21.88 -5.08 19.99
CA LYS E 56 21.13 -5.39 21.20
C LYS E 56 22.04 -5.41 22.42
N ARG E 57 23.22 -6.00 22.28
CA ARG E 57 24.16 -5.96 23.38
C ARG E 57 24.51 -4.53 23.78
N GLU E 58 24.77 -3.67 22.79
CA GLU E 58 25.19 -2.30 23.11
C GLU E 58 24.05 -1.48 23.68
N GLN E 59 22.83 -1.68 23.19
CA GLN E 59 21.70 -0.95 23.73
C GLN E 59 21.45 -1.32 25.19
N GLN E 60 21.40 -2.62 25.50
CA GLN E 60 21.20 -2.98 26.89
C GLN E 60 22.43 -2.76 27.75
N LEU E 61 23.58 -2.42 27.14
CA LEU E 61 24.72 -1.98 27.92
C LEU E 61 24.68 -0.48 28.20
N LEU E 62 24.06 0.29 27.30
CA LEU E 62 23.93 1.72 27.48
C LEU E 62 22.71 2.11 28.30
N ALA E 63 21.77 1.20 28.49
CA ALA E 63 20.60 1.61 29.27
C ALA E 63 20.91 1.84 30.72
N GLU E 64 22.15 1.79 31.17
CA GLU E 64 22.51 2.08 32.55
C GLU E 64 23.32 3.37 32.67
N ALA E 65 23.16 4.28 31.72
CA ALA E 65 23.90 5.53 31.71
C ALA E 65 22.99 6.68 32.09
N ARG E 66 23.50 7.59 32.92
CA ARG E 66 22.72 8.70 33.41
C ARG E 66 23.12 10.04 32.84
N SER E 67 24.21 10.10 32.07
CA SER E 67 24.64 11.36 31.46
C SER E 67 25.43 11.03 30.20
N LEU E 68 25.63 12.04 29.36
CA LEU E 68 26.41 11.77 28.15
C LEU E 68 27.86 11.48 28.46
N ASN E 69 28.40 12.05 29.53
CA ASN E 69 29.78 11.77 29.89
C ASN E 69 29.95 10.30 30.26
N GLN E 70 29.09 9.80 31.14
CA GLN E 70 29.12 8.39 31.47
C GLN E 70 28.80 7.52 30.27
N ALA E 71 27.96 8.00 29.35
CA ALA E 71 27.62 7.19 28.18
C ALA E 71 28.80 7.07 27.23
N ASN E 72 29.57 8.14 27.05
CA ASN E 72 30.79 8.02 26.26
C ASN E 72 31.85 7.22 27.00
N ASP E 73 31.83 7.24 28.32
CA ASP E 73 32.72 6.35 29.08
C ASP E 73 32.39 4.90 28.80
N ILE E 74 31.11 4.55 28.83
CA ILE E 74 30.66 3.19 28.57
C ILE E 74 30.99 2.80 27.13
N ALA E 75 30.49 3.57 26.17
CA ALA E 75 30.68 3.24 24.77
C ALA E 75 32.02 3.70 24.23
N ALA E 76 32.98 4.00 25.11
CA ALA E 76 34.31 4.40 24.65
C ALA E 76 34.93 3.30 23.81
N ASP E 77 34.62 2.04 24.13
CA ASP E 77 35.16 0.88 23.42
C ASP E 77 34.00 0.01 22.95
N PHE E 78 33.42 0.38 21.82
CA PHE E 78 32.44 -0.46 21.14
C PHE E 78 32.92 -0.83 19.75
N GLY E 79 34.19 -0.63 19.47
CA GLY E 79 34.71 -0.88 18.14
C GLY E 79 34.72 0.39 17.31
N SER E 80 34.56 0.20 16.00
CA SER E 80 34.43 1.33 15.09
C SER E 80 33.23 1.24 14.18
N LYS E 81 32.73 0.03 13.91
CA LYS E 81 31.51 -0.15 13.12
C LYS E 81 30.28 -0.14 14.02
N SER E 82 30.42 0.37 15.23
CA SER E 82 29.35 0.35 16.20
C SER E 82 28.39 1.49 15.89
N LEU E 83 27.15 1.15 15.56
CA LEU E 83 26.17 2.18 15.24
C LEU E 83 25.86 3.04 16.45
N SER E 84 25.84 2.45 17.63
CA SER E 84 25.69 3.26 18.84
C SER E 84 26.84 4.24 19.01
N LEU E 85 28.04 3.84 18.62
CA LEU E 85 29.15 4.77 18.69
C LEU E 85 28.99 5.89 17.67
N HIS E 86 28.48 5.57 16.47
CA HIS E 86 28.23 6.63 15.50
C HIS E 86 27.24 7.65 16.04
N LEU E 87 26.16 7.18 16.65
CA LEU E 87 25.14 8.10 17.15
C LEU E 87 25.67 8.95 18.30
N LEU E 88 26.35 8.32 19.27
CA LEU E 88 26.91 9.11 20.37
C LEU E 88 27.90 10.14 19.87
N ASN E 89 28.70 9.78 18.89
CA ASN E 89 29.68 10.73 18.40
C ASN E 89 29.03 11.84 17.59
N GLU E 90 27.87 11.60 16.98
CA GLU E 90 27.19 12.71 16.30
C GLU E 90 26.58 13.68 17.31
N ALA E 91 26.01 13.17 18.39
CA ALA E 91 25.53 14.07 19.44
C ALA E 91 26.67 14.90 20.01
N GLN E 92 27.79 14.26 20.35
CA GLN E 92 28.90 15.01 20.92
C GLN E 92 29.53 15.95 19.90
N ASN E 93 29.54 15.57 18.62
CA ASN E 93 30.07 16.46 17.59
C ASN E 93 29.23 17.72 17.46
N GLU E 94 27.91 17.58 17.56
CA GLU E 94 27.06 18.77 17.54
C GLU E 94 27.32 19.64 18.77
N LEU E 95 27.36 19.02 19.94
CA LEU E 95 27.67 19.77 21.15
C LEU E 95 29.02 20.46 21.09
N GLU E 96 29.94 19.97 20.26
CA GLU E 96 31.25 20.59 20.13
C GLU E 96 31.29 21.68 19.07
N LEU E 97 30.63 21.47 17.93
CA LEU E 97 30.59 22.48 16.89
C LEU E 97 29.80 23.70 17.33
N SER E 98 28.79 23.52 18.18
CA SER E 98 27.99 24.64 18.64
C SER E 98 28.53 25.26 19.91
N GLU E 99 29.83 25.19 20.16
CA GLU E 99 30.38 25.85 21.33
C GLU E 99 30.45 27.35 21.08
N GLY E 100 30.22 28.13 22.13
CA GLY E 100 30.02 29.55 21.99
C GLY E 100 28.59 29.97 21.74
N SER E 101 27.69 29.02 21.52
CA SER E 101 26.28 29.28 21.38
C SER E 101 25.61 29.30 22.74
N ASP E 102 24.39 29.83 22.77
CA ASP E 102 23.62 29.91 24.01
C ASP E 102 22.18 29.47 23.83
N ASP E 103 21.80 28.96 22.66
CA ASP E 103 20.44 28.52 22.40
C ASP E 103 20.40 27.00 22.48
N ASN E 104 20.20 26.50 23.70
CA ASN E 104 20.18 25.07 23.92
C ASN E 104 19.05 24.40 23.17
N GLU E 105 17.95 25.11 22.95
CA GLU E 105 16.91 24.54 22.10
C GLU E 105 17.41 24.38 20.68
N GLY E 106 18.21 25.32 20.20
CA GLY E 106 18.82 25.16 18.88
C GLY E 106 19.73 23.97 18.82
N ILE E 107 20.55 23.77 19.86
CA ILE E 107 21.44 22.60 19.88
C ILE E 107 20.64 21.31 19.82
N LYS E 108 19.59 21.22 20.63
CA LYS E 108 18.77 20.00 20.62
C LYS E 108 18.11 19.79 19.26
N GLU E 109 17.64 20.86 18.63
CA GLU E 109 16.99 20.72 17.33
C GLU E 109 17.95 20.17 16.29
N ARG E 110 19.15 20.75 16.21
CA ARG E 110 20.11 20.28 15.22
C ARG E 110 20.56 18.86 15.51
N THR E 111 20.76 18.51 16.79
CA THR E 111 21.18 17.17 17.13
C THR E 111 20.14 16.15 16.71
N SER E 112 18.86 16.41 17.03
CA SER E 112 17.82 15.47 16.64
C SER E 112 17.73 15.36 15.14
N PHE E 113 17.93 16.46 14.43
CA PHE E 113 17.91 16.42 12.97
C PHE E 113 18.98 15.47 12.43
N ARG E 114 20.22 15.64 12.90
CA ARG E 114 21.30 14.78 12.41
C ARG E 114 21.07 13.32 12.78
N LEU E 115 20.60 13.05 14.00
CA LEU E 115 20.39 11.67 14.41
C LEU E 115 19.30 11.01 13.60
N GLU E 116 18.21 11.71 13.30
CA GLU E 116 17.18 11.10 12.48
C GLU E 116 17.68 10.84 11.07
N ARG E 117 18.40 11.79 10.48
CA ARG E 117 19.02 11.53 9.18
C ARG E 117 19.89 10.27 9.23
N ARG E 118 20.67 10.12 10.30
CA ARG E 118 21.61 9.01 10.38
C ARG E 118 20.90 7.67 10.52
N VAL E 119 19.83 7.62 11.32
CA VAL E 119 19.07 6.38 11.46
C VAL E 119 18.45 5.98 10.14
N ALA E 120 17.88 6.95 9.40
CA ALA E 120 17.33 6.61 8.10
C ALA E 120 18.41 6.13 7.14
N ALA E 121 19.60 6.72 7.24
CA ALA E 121 20.68 6.30 6.34
C ALA E 121 21.10 4.87 6.62
N VAL E 122 21.13 4.47 7.89
CA VAL E 122 21.49 3.09 8.19
C VAL E 122 20.41 2.13 7.68
N GLY E 123 19.14 2.49 7.85
CA GLY E 123 18.09 1.67 7.28
C GLY E 123 18.26 1.46 5.78
N ARG E 124 18.49 2.56 5.04
CA ARG E 124 18.63 2.44 3.60
C ARG E 124 19.88 1.66 3.21
N GLN E 125 20.95 1.77 3.97
CA GLN E 125 22.15 0.99 3.65
C GLN E 125 21.95 -0.49 3.93
N MET E 126 21.07 -0.82 4.86
CA MET E 126 20.78 -2.25 5.07
C MET E 126 19.89 -2.80 3.97
N GLY E 127 18.92 -2.03 3.49
CA GLY E 127 18.08 -2.54 2.42
C GLY E 127 18.71 -2.50 1.04
N ARG E 128 19.76 -3.29 0.83
CA ARG E 128 20.56 -3.23 -0.41
C ARG E 128 20.59 -4.62 -1.03
N GLY E 129 19.80 -4.82 -2.09
CA GLY E 129 19.57 -6.13 -2.69
C GLY E 129 18.11 -6.52 -2.72
N ASN E 130 17.34 -6.04 -1.74
CA ASN E 130 15.90 -6.23 -1.79
C ASN E 130 15.30 -5.70 -3.09
N GLY E 131 16.04 -4.85 -3.81
CA GLY E 131 15.62 -4.54 -5.17
C GLY E 131 15.58 -5.76 -6.05
N TYR E 132 16.67 -6.55 -6.05
CA TYR E 132 16.67 -7.77 -6.82
C TYR E 132 15.58 -8.72 -6.34
N LEU E 133 15.43 -8.86 -5.03
CA LEU E 133 14.41 -9.78 -4.53
C LEU E 133 13.02 -9.37 -4.99
N ALA E 134 12.71 -8.07 -4.96
CA ALA E 134 11.41 -7.62 -5.43
C ALA E 134 11.23 -7.85 -6.92
N THR E 135 12.22 -7.46 -7.72
CA THR E 135 12.07 -7.61 -9.16
C THR E 135 11.89 -9.06 -9.56
N ILE E 136 12.65 -9.96 -8.94
CA ILE E 136 12.52 -11.38 -9.28
C ILE E 136 11.16 -11.91 -8.83
N GLY E 137 10.76 -11.61 -7.60
CA GLY E 137 9.46 -12.06 -7.15
C GLY E 137 8.31 -11.51 -7.95
N ALA E 138 8.53 -10.45 -8.72
CA ALA E 138 7.47 -9.92 -9.57
C ALA E 138 7.49 -10.46 -11.00
N ILE E 139 8.67 -10.62 -11.61
CA ILE E 139 8.73 -11.00 -13.01
C ILE E 139 9.06 -12.45 -13.23
N SER E 140 9.22 -13.25 -12.19
CA SER E 140 9.50 -14.64 -12.51
C SER E 140 8.27 -15.42 -12.94
N PRO E 141 7.10 -15.26 -12.32
CA PRO E 141 5.93 -16.00 -12.83
C PRO E 141 5.57 -15.61 -14.23
N PHE E 142 5.83 -14.37 -14.64
CA PHE E 142 5.55 -13.96 -16.01
C PHE E 142 6.56 -14.50 -17.00
N VAL E 143 7.82 -14.65 -16.62
CA VAL E 143 8.76 -15.27 -17.55
C VAL E 143 8.46 -16.76 -17.67
N GLY E 144 8.07 -17.39 -16.56
CA GLY E 144 7.60 -18.76 -16.66
C GLY E 144 6.39 -18.89 -17.57
N LEU E 145 5.42 -18.01 -17.41
CA LEU E 145 4.20 -18.08 -18.20
C LEU E 145 4.45 -17.76 -19.67
N PHE E 146 5.36 -16.84 -19.96
CA PHE E 146 5.74 -16.63 -21.35
C PHE E 146 6.40 -17.89 -21.91
N GLY E 147 7.19 -18.58 -21.09
CA GLY E 147 7.74 -19.84 -21.53
C GLY E 147 6.66 -20.85 -21.88
N THR E 148 5.61 -20.94 -21.06
CA THR E 148 4.58 -21.94 -21.32
C THR E 148 3.71 -21.56 -22.51
N VAL E 149 3.42 -20.28 -22.70
CA VAL E 149 2.65 -19.86 -23.86
C VAL E 149 3.44 -20.09 -25.13
N TRP E 150 4.74 -19.82 -25.11
CA TRP E 150 5.56 -20.11 -26.27
C TRP E 150 5.64 -21.60 -26.52
N GLY E 151 5.69 -22.40 -25.47
CA GLY E 151 5.74 -23.84 -25.68
C GLY E 151 4.48 -24.36 -26.36
N ILE E 152 3.32 -23.95 -25.87
CA ILE E 152 2.06 -24.42 -26.46
C ILE E 152 1.88 -23.89 -27.87
N MET E 153 2.32 -22.65 -28.12
CA MET E 153 2.26 -22.11 -29.48
C MET E 153 3.14 -22.90 -30.42
N ASN E 154 4.37 -23.22 -30.00
CA ASN E 154 5.24 -24.05 -30.83
C ASN E 154 4.63 -25.44 -31.05
N SER E 155 3.94 -25.97 -30.04
CA SER E 155 3.31 -27.27 -30.21
C SER E 155 2.21 -27.21 -31.28
N PHE E 156 1.32 -26.23 -31.18
CA PHE E 156 0.26 -26.10 -32.17
C PHE E 156 0.80 -25.73 -33.54
N ILE E 157 1.99 -25.15 -33.63
CA ILE E 157 2.58 -24.89 -34.93
C ILE E 157 3.14 -26.19 -35.51
N GLY E 158 3.77 -27.00 -34.68
CA GLY E 158 4.25 -28.30 -35.13
C GLY E 158 3.14 -29.25 -35.49
N ILE E 159 1.94 -29.05 -34.95
CA ILE E 159 0.81 -29.90 -35.28
C ILE E 159 0.26 -29.62 -36.67
N ALA E 160 0.65 -28.51 -37.30
CA ALA E 160 0.13 -28.15 -38.61
C ALA E 160 1.07 -28.45 -39.76
N GLN E 161 2.38 -28.50 -39.51
CA GLN E 161 3.31 -28.80 -40.59
C GLN E 161 3.14 -30.23 -41.08
N THR E 162 3.10 -31.19 -40.16
CA THR E 162 2.90 -32.59 -40.49
C THR E 162 1.46 -33.03 -40.31
N GLN E 163 0.54 -32.09 -40.07
CA GLN E 163 -0.89 -32.32 -39.86
C GLN E 163 -1.19 -33.58 -39.07
N THR E 164 -0.40 -33.87 -38.05
CA THR E 164 -0.67 -35.00 -37.20
C THR E 164 -1.92 -34.72 -36.38
N THR E 165 -3.05 -35.25 -36.83
CA THR E 165 -4.34 -34.94 -36.23
C THR E 165 -4.57 -35.63 -34.90
N ASN E 166 -3.67 -36.51 -34.49
CA ASN E 166 -3.80 -37.17 -33.20
C ASN E 166 -3.24 -36.27 -32.10
N LEU E 167 -4.00 -36.09 -31.02
CA LEU E 167 -3.59 -35.29 -29.88
C LEU E 167 -3.02 -36.15 -28.76
N ALA E 168 -2.36 -37.24 -29.10
CA ALA E 168 -1.68 -38.08 -28.12
C ALA E 168 -0.17 -38.07 -28.25
N VAL E 169 0.36 -37.49 -29.33
CA VAL E 169 1.80 -37.47 -29.56
C VAL E 169 2.41 -36.10 -29.27
N VAL E 170 1.61 -35.05 -29.17
CA VAL E 170 2.13 -33.71 -28.91
C VAL E 170 2.16 -33.46 -27.41
N ALA E 171 1.89 -34.49 -26.62
CA ALA E 171 1.88 -34.32 -25.17
C ALA E 171 3.21 -33.84 -24.60
N PRO E 172 4.38 -34.25 -25.10
CA PRO E 172 5.62 -33.70 -24.55
C PRO E 172 5.77 -32.19 -24.73
N GLY E 173 5.16 -31.61 -25.75
CA GLY E 173 5.18 -30.15 -25.87
C GLY E 173 4.49 -29.47 -24.69
N ILE E 174 3.32 -29.99 -24.31
CA ILE E 174 2.64 -29.43 -23.15
C ILE E 174 3.40 -29.77 -21.88
N ALA E 175 4.07 -30.91 -21.84
CA ALA E 175 4.92 -31.21 -20.70
C ALA E 175 6.01 -30.16 -20.51
N GLU E 176 6.65 -29.77 -21.61
CA GLU E 176 7.69 -28.74 -21.51
C GLU E 176 7.11 -27.38 -21.15
N ALA E 177 5.96 -27.04 -21.71
CA ALA E 177 5.36 -25.76 -21.34
C ALA E 177 5.07 -25.71 -19.85
N LEU E 178 4.42 -26.74 -19.32
CA LEU E 178 4.10 -26.74 -17.90
C LEU E 178 5.35 -26.83 -17.04
N LEU E 179 6.42 -27.45 -17.54
CA LEU E 179 7.67 -27.43 -16.79
C LEU E 179 8.23 -26.01 -16.69
N ALA E 180 8.13 -25.24 -17.76
CA ALA E 180 8.57 -23.84 -17.68
C ALA E 180 7.75 -23.08 -16.65
N THR E 181 6.44 -23.34 -16.58
CA THR E 181 5.65 -22.64 -15.57
C THR E 181 6.03 -23.07 -14.14
N ALA E 182 6.22 -24.36 -13.91
CA ALA E 182 6.58 -24.81 -12.56
C ALA E 182 7.92 -24.24 -12.14
N ILE E 183 8.88 -24.15 -13.06
CA ILE E 183 10.15 -23.50 -12.74
C ILE E 183 9.91 -22.02 -12.42
N GLY E 184 8.99 -21.38 -13.13
CA GLY E 184 8.66 -20.00 -12.81
C GLY E 184 8.20 -19.83 -11.39
N LEU E 185 7.35 -20.74 -10.92
CA LEU E 185 6.86 -20.64 -9.53
C LEU E 185 7.97 -20.97 -8.52
N VAL E 186 8.77 -21.99 -8.80
CA VAL E 186 9.89 -22.31 -7.90
C VAL E 186 10.82 -21.12 -7.74
N ALA E 187 11.08 -20.40 -8.82
CA ALA E 187 11.95 -19.24 -8.72
C ALA E 187 11.26 -18.02 -8.15
N ALA E 188 9.93 -17.95 -8.22
CA ALA E 188 9.22 -16.75 -7.83
C ALA E 188 8.71 -16.74 -6.40
N ILE E 189 8.48 -17.89 -5.78
CA ILE E 189 7.89 -17.85 -4.44
C ILE E 189 8.93 -17.55 -3.36
N PRO E 190 10.10 -18.20 -3.33
CA PRO E 190 11.10 -17.80 -2.35
C PRO E 190 11.51 -16.35 -2.43
N ALA E 191 11.47 -15.74 -3.61
CA ALA E 191 11.76 -14.32 -3.71
C ALA E 191 10.79 -13.51 -2.88
N VAL E 192 9.50 -13.82 -2.98
CA VAL E 192 8.51 -13.06 -2.24
C VAL E 192 8.59 -13.34 -0.74
N VAL E 193 8.76 -14.60 -0.35
CA VAL E 193 8.88 -14.90 1.08
C VAL E 193 10.09 -14.20 1.68
N ILE E 194 11.27 -14.37 1.06
CA ILE E 194 12.48 -13.78 1.60
C ILE E 194 12.38 -12.27 1.58
N TYR E 195 11.75 -11.69 0.57
CA TYR E 195 11.66 -10.25 0.55
C TYR E 195 10.82 -9.74 1.71
N ASN E 196 9.70 -10.40 1.98
CA ASN E 196 8.88 -9.95 3.10
C ASN E 196 9.62 -10.11 4.42
N VAL E 197 10.32 -11.23 4.60
CA VAL E 197 11.09 -11.42 5.82
C VAL E 197 12.12 -10.31 5.99
N PHE E 198 12.83 -9.96 4.92
CA PHE E 198 13.87 -8.93 5.05
C PHE E 198 13.25 -7.57 5.27
N ALA E 199 12.13 -7.26 4.61
CA ALA E 199 11.49 -5.97 4.84
C ALA E 199 11.14 -5.81 6.32
N ARG E 200 10.52 -6.84 6.87
CA ARG E 200 10.07 -6.85 8.29
C ARG E 200 11.28 -6.78 9.23
N GLN E 201 12.33 -7.56 8.97
CA GLN E 201 13.50 -7.58 9.84
C GLN E 201 14.24 -6.25 9.80
N ILE E 202 14.31 -5.62 8.62
CA ILE E 202 14.87 -4.29 8.52
C ILE E 202 14.04 -3.30 9.32
N GLY E 203 12.72 -3.41 9.25
CA GLY E 203 11.89 -2.52 10.05
C GLY E 203 12.13 -2.67 11.54
N GLY E 204 12.22 -3.91 12.02
CA GLY E 204 12.46 -4.13 13.43
C GLY E 204 13.80 -3.58 13.88
N PHE E 205 14.85 -3.88 13.12
CA PHE E 205 16.16 -3.35 13.48
C PHE E 205 16.18 -1.84 13.42
N LYS E 206 15.45 -1.26 12.47
CA LYS E 206 15.40 0.19 12.36
C LYS E 206 14.74 0.81 13.57
N ALA E 207 13.73 0.14 14.13
CA ALA E 207 13.10 0.67 15.34
C ALA E 207 14.00 0.51 16.56
N MET E 208 14.74 -0.58 16.65
CA MET E 208 15.71 -0.71 17.75
C MET E 208 16.79 0.36 17.66
N LEU E 209 17.24 0.66 16.45
CA LEU E 209 18.19 1.75 16.28
C LEU E 209 17.58 3.09 16.64
N GLY E 210 16.32 3.31 16.26
CA GLY E 210 15.64 4.52 16.68
C GLY E 210 15.55 4.64 18.19
N ASP E 211 15.45 3.52 18.88
CA ASP E 211 15.42 3.56 20.34
C ASP E 211 16.77 3.94 20.93
N VAL E 212 17.86 3.43 20.37
CA VAL E 212 19.18 3.89 20.83
C VAL E 212 19.37 5.38 20.54
N ALA E 213 18.90 5.84 19.38
CA ALA E 213 18.97 7.26 19.07
C ALA E 213 18.18 8.08 20.06
N ALA E 214 16.98 7.63 20.41
CA ALA E 214 16.16 8.34 21.38
C ALA E 214 16.84 8.39 22.73
N GLN E 215 17.53 7.31 23.11
CA GLN E 215 18.28 7.33 24.36
C GLN E 215 19.36 8.40 24.36
N VAL E 216 20.08 8.53 23.24
CA VAL E 216 21.11 9.57 23.16
C VAL E 216 20.48 10.95 23.26
N LEU E 217 19.36 11.15 22.58
CA LEU E 217 18.69 12.45 22.60
C LEU E 217 18.22 12.82 24.00
N LEU E 218 17.64 11.87 24.72
CA LEU E 218 17.19 12.15 26.07
C LEU E 218 18.35 12.50 26.98
N LEU E 219 19.44 11.75 26.90
CA LEU E 219 20.59 12.07 27.74
C LEU E 219 21.11 13.47 27.45
N GLN E 220 21.24 13.82 26.17
CA GLN E 220 21.76 15.14 25.84
C GLN E 220 20.86 16.25 26.34
N SER E 221 19.56 16.13 26.09
CA SER E 221 18.62 17.17 26.52
C SER E 221 18.65 17.33 28.03
N ARG E 222 18.65 16.21 28.74
CA ARG E 222 18.64 16.26 30.20
C ARG E 222 19.87 16.98 30.72
N ASP E 223 21.04 16.63 30.18
CA ASP E 223 22.27 17.29 30.63
C ASP E 223 22.22 18.78 30.35
N LEU E 224 21.76 19.15 29.15
CA LEU E 224 21.73 20.56 28.80
C LEU E 224 20.87 21.35 29.77
N ASP E 225 19.66 20.87 30.03
CA ASP E 225 18.74 21.62 30.88
C ASP E 225 19.24 21.68 32.31
N LEU E 226 19.72 20.55 32.85
CA LEU E 226 20.25 20.55 34.21
C LEU E 226 21.41 21.52 34.35
N GLU E 227 22.35 21.50 33.41
CA GLU E 227 23.51 22.37 33.50
C GLU E 227 23.11 23.83 33.38
N ALA E 228 22.22 24.16 32.44
CA ALA E 228 21.82 25.55 32.27
C ALA E 228 21.11 26.08 33.51
N SER E 229 20.20 25.29 34.08
CA SER E 229 19.52 25.71 35.30
C SER E 229 20.49 25.89 36.44
N ALA E 230 21.42 24.95 36.63
CA ALA E 230 22.38 25.07 37.72
C ALA E 230 23.28 26.29 37.55
N ALA E 231 23.66 26.60 36.30
CA ALA E 231 24.52 27.74 36.06
C ALA E 231 23.77 29.06 36.22
N ALA E 232 22.46 29.05 35.94
CA ALA E 232 21.69 30.28 36.09
C ALA E 232 21.35 30.56 37.55
N HIS E 233 21.04 29.53 38.34
CA HIS E 233 20.68 29.68 39.74
C HIS E 233 21.75 29.03 40.61
N PRO E 234 22.70 29.81 41.12
CA PRO E 234 23.78 29.30 41.97
C PRO E 234 23.29 28.86 43.34
N ASN F 12 10.64 4.33 -2.19
CA ASN F 12 10.79 3.28 -3.18
C ASN F 12 9.48 2.53 -3.42
N GLY F 13 8.73 2.96 -4.43
CA GLY F 13 7.52 2.28 -4.80
C GLY F 13 7.72 1.24 -5.87
N GLU F 14 8.52 0.21 -5.60
CA GLU F 14 8.81 -0.82 -6.58
C GLU F 14 7.85 -1.99 -6.41
N MET F 15 7.62 -2.70 -7.52
CA MET F 15 6.67 -3.81 -7.55
C MET F 15 7.31 -5.06 -6.99
N HIS F 16 6.71 -5.61 -5.93
CA HIS F 16 7.36 -6.65 -5.15
C HIS F 16 6.51 -7.87 -4.88
N ASP F 17 5.25 -7.92 -5.35
CA ASP F 17 4.35 -9.03 -5.10
C ASP F 17 3.85 -9.61 -6.41
N ILE F 18 3.67 -10.93 -6.44
CA ILE F 18 3.16 -11.59 -7.63
C ILE F 18 1.75 -11.10 -7.91
N ASN F 19 1.40 -11.04 -9.19
CA ASN F 19 0.05 -10.68 -9.62
C ASN F 19 -0.65 -11.92 -10.15
N VAL F 20 -1.92 -12.07 -9.81
CA VAL F 20 -2.68 -13.25 -10.20
C VAL F 20 -3.59 -13.00 -11.40
N THR F 21 -3.95 -11.73 -11.67
CA THR F 21 -4.97 -11.49 -12.69
C THR F 21 -4.46 -11.80 -14.09
N PRO F 22 -3.31 -11.31 -14.54
CA PRO F 22 -2.84 -11.71 -15.88
C PRO F 22 -2.49 -13.16 -15.95
N PHE F 23 -2.35 -13.82 -14.80
CA PHE F 23 -1.91 -15.20 -14.72
C PHE F 23 -3.07 -16.17 -14.67
N ILE F 24 -4.29 -15.69 -14.51
CA ILE F 24 -5.48 -16.52 -14.52
C ILE F 24 -6.20 -16.46 -15.86
N ASP F 25 -6.23 -15.30 -16.50
CA ASP F 25 -6.99 -15.16 -17.73
C ASP F 25 -6.30 -15.82 -18.91
N VAL F 26 -5.00 -16.11 -18.77
CA VAL F 26 -4.24 -16.70 -19.86
C VAL F 26 -4.23 -18.22 -19.77
N MET F 27 -4.29 -18.77 -18.56
CA MET F 27 -4.28 -20.21 -18.38
C MET F 27 -5.67 -20.82 -18.46
N LEU F 28 -6.70 -20.00 -18.68
CA LEU F 28 -8.02 -20.50 -19.06
C LEU F 28 -8.27 -20.38 -20.55
N VAL F 29 -7.83 -19.28 -21.18
CA VAL F 29 -7.83 -19.23 -22.63
C VAL F 29 -7.01 -20.38 -23.19
N LEU F 30 -5.97 -20.80 -22.47
CA LEU F 30 -5.23 -22.00 -22.81
C LEU F 30 -6.04 -23.27 -22.61
N LEU F 31 -7.17 -23.19 -21.90
CA LEU F 31 -8.09 -24.30 -21.85
C LEU F 31 -9.10 -24.26 -23.00
N ILE F 32 -9.59 -23.06 -23.32
CA ILE F 32 -10.58 -22.92 -24.39
C ILE F 32 -10.00 -23.38 -25.72
N ILE F 33 -8.71 -23.14 -25.95
CA ILE F 33 -8.08 -23.65 -27.16
C ILE F 33 -8.09 -25.17 -27.16
N PHE F 34 -7.96 -25.78 -25.99
CA PHE F 34 -7.97 -27.24 -25.87
C PHE F 34 -9.38 -27.80 -25.71
N MET F 35 -10.38 -26.94 -25.56
CA MET F 35 -11.76 -27.40 -25.46
C MET F 35 -12.47 -27.37 -26.81
N VAL F 36 -11.98 -26.57 -27.76
CA VAL F 36 -12.57 -26.49 -29.09
C VAL F 36 -11.74 -27.23 -30.14
N ALA F 37 -10.45 -27.47 -29.87
CA ALA F 37 -9.59 -28.17 -30.81
C ALA F 37 -9.40 -29.63 -30.47
N ALA F 38 -9.80 -30.06 -29.28
CA ALA F 38 -9.74 -31.48 -28.93
C ALA F 38 -10.90 -32.26 -29.55
N PRO F 39 -12.13 -31.75 -29.53
CA PRO F 39 -13.19 -32.42 -30.31
C PRO F 39 -12.96 -32.42 -31.80
N LEU F 40 -11.95 -31.72 -32.30
CA LEU F 40 -11.62 -31.75 -33.72
C LEU F 40 -11.21 -33.15 -34.15
N ALA F 41 -10.41 -33.83 -33.34
CA ALA F 41 -9.89 -35.15 -33.69
C ALA F 41 -10.95 -36.25 -33.60
N THR F 42 -12.19 -35.92 -33.27
CA THR F 42 -13.24 -36.92 -33.16
C THR F 42 -13.57 -37.52 -34.52
N ASN G 12 -8.03 -0.72 11.41
CA ASN G 12 -7.27 -0.87 12.64
C ASN G 12 -5.97 -1.59 12.34
N GLY G 13 -5.96 -2.37 11.27
CA GLY G 13 -4.78 -3.11 10.89
C GLY G 13 -4.65 -3.21 9.39
N GLU G 14 -3.50 -3.69 8.95
CA GLU G 14 -3.27 -3.95 7.54
C GLU G 14 -3.98 -5.25 7.14
N MET G 15 -5.27 -5.15 6.86
CA MET G 15 -6.11 -6.32 6.68
C MET G 15 -5.95 -6.89 5.27
N HIS G 16 -6.46 -8.10 5.07
CA HIS G 16 -6.51 -8.75 3.76
C HIS G 16 -7.86 -8.47 3.13
N ASP G 17 -7.90 -7.52 2.21
CA ASP G 17 -9.08 -7.24 1.39
C ASP G 17 -8.60 -7.28 -0.04
N ILE G 18 -8.52 -8.48 -0.61
CA ILE G 18 -7.74 -8.62 -1.83
C ILE G 18 -8.53 -9.31 -2.94
N ASN G 19 -9.26 -10.36 -2.60
CA ASN G 19 -9.96 -11.19 -3.59
C ASN G 19 -8.97 -11.83 -4.57
N VAL G 20 -8.11 -12.68 -4.02
CA VAL G 20 -7.12 -13.41 -4.80
C VAL G 20 -7.69 -14.77 -5.14
N THR G 21 -7.50 -15.19 -6.39
CA THR G 21 -8.08 -16.43 -6.90
C THR G 21 -7.09 -17.15 -7.82
N PRO G 22 -6.04 -17.76 -7.24
CA PRO G 22 -5.22 -18.67 -8.06
C PRO G 22 -5.86 -20.06 -8.11
N PHE G 23 -6.85 -20.19 -9.01
CA PHE G 23 -7.44 -21.48 -9.29
C PHE G 23 -7.10 -21.98 -10.69
N ILE G 24 -5.96 -21.55 -11.22
CA ILE G 24 -5.43 -22.15 -12.43
C ILE G 24 -5.44 -23.66 -12.33
N ASP G 25 -5.24 -24.19 -11.12
CA ASP G 25 -5.32 -25.62 -10.89
C ASP G 25 -6.62 -26.24 -11.39
N VAL G 26 -7.71 -25.47 -11.39
CA VAL G 26 -8.98 -26.01 -11.88
C VAL G 26 -8.95 -26.14 -13.39
N MET G 27 -8.80 -25.01 -14.10
CA MET G 27 -8.70 -25.03 -15.55
C MET G 27 -7.55 -25.92 -16.03
N LEU G 28 -6.55 -26.15 -15.18
CA LEU G 28 -5.49 -27.09 -15.51
C LEU G 28 -6.01 -28.52 -15.46
N VAL G 29 -6.91 -28.82 -14.54
CA VAL G 29 -7.48 -30.16 -14.50
C VAL G 29 -8.58 -30.31 -15.54
N LEU G 30 -9.32 -29.24 -15.81
CA LEU G 30 -10.33 -29.30 -16.87
C LEU G 30 -9.70 -29.68 -18.20
N LEU G 31 -8.49 -29.22 -18.48
CA LEU G 31 -7.90 -29.47 -19.78
C LEU G 31 -7.39 -30.90 -19.92
N ILE G 32 -6.91 -31.52 -18.84
CA ILE G 32 -6.55 -32.93 -18.90
C ILE G 32 -7.78 -33.75 -19.28
N ILE G 33 -8.94 -33.37 -18.76
CA ILE G 33 -10.18 -34.05 -19.11
C ILE G 33 -10.37 -34.02 -20.62
N PHE G 34 -10.45 -32.81 -21.18
CA PHE G 34 -10.78 -32.66 -22.59
C PHE G 34 -9.67 -33.13 -23.51
N MET G 35 -8.44 -33.27 -23.03
CA MET G 35 -7.38 -33.78 -23.89
C MET G 35 -7.76 -35.18 -24.36
N VAL G 36 -7.83 -36.14 -23.45
CA VAL G 36 -8.46 -37.40 -23.77
C VAL G 36 -9.92 -37.39 -23.29
N ALA G 37 -10.78 -36.74 -24.04
CA ALA G 37 -12.21 -36.95 -23.86
C ALA G 37 -12.93 -37.16 -25.18
N ALA G 38 -12.60 -36.39 -26.21
CA ALA G 38 -13.15 -36.55 -27.55
C ALA G 38 -12.41 -37.60 -28.38
N PRO G 39 -11.07 -37.56 -28.46
CA PRO G 39 -10.38 -38.54 -29.32
C PRO G 39 -10.53 -39.99 -28.87
N LEU G 40 -11.12 -40.25 -27.71
CA LEU G 40 -11.38 -41.62 -27.29
C LEU G 40 -12.66 -42.15 -27.93
#